data_3CNG
#
_entry.id   3CNG
#
_cell.length_a   174.781
_cell.length_b   49.506
_cell.length_c   110.190
_cell.angle_alpha   90.000
_cell.angle_beta   106.280
_cell.angle_gamma   90.000
#
_symmetry.space_group_name_H-M   'C 1 2 1'
#
loop_
_entity.id
_entity.type
_entity.pdbx_description
1 polymer 'NUDIX hydrolase'
2 non-polymer 'ZINC ION'
3 non-polymer 'SODIUM ION'
4 non-polymer 'CHLORIDE ION'
5 non-polymer 1,2-ETHANEDIOL
6 non-polymer GLYCEROL
7 water water
#
_entity_poly.entity_id   1
_entity_poly.type   'polypeptide(L)'
_entity_poly.pdbx_seq_one_letter_code
;GH(MSE)KFCSQCGGEVILRIPEGDTLPRYICPKCHTIHYQNPKVIVGCIPEWENKVLLCKRAIAPYRGKWTLPAGF
(MSE)ENNETLVQGAARETLEEANARVEIRELYAVYSLPHISQVY(MSE)LFRAKLLDLDFFPGIESLEVRLFGEQEIPW
NDIAFRVIHDPLKRY(MSE)EERHHGQPAFHLGIINKPQAGSNSNEGS
;
_entity_poly.pdbx_strand_id   A,B,C,D
#
# COMPACT_ATOMS: atom_id res chain seq x y z
N LYS A 4 -24.41 3.58 -9.81
CA LYS A 4 -24.31 4.50 -10.99
C LYS A 4 -23.74 5.90 -10.70
N PHE A 5 -23.89 6.39 -9.48
CA PHE A 5 -23.53 7.77 -9.15
C PHE A 5 -22.82 7.83 -7.83
N CYS A 6 -22.00 8.86 -7.67
CA CYS A 6 -21.23 9.03 -6.45
C CYS A 6 -22.10 9.61 -5.28
N SER A 7 -22.10 8.92 -4.13
CA SER A 7 -22.92 9.29 -3.01
C SER A 7 -22.45 10.62 -2.39
N GLN A 8 -21.24 11.05 -2.75
CA GLN A 8 -20.66 12.26 -2.20
C GLN A 8 -20.84 13.49 -3.05
N CYS A 9 -20.74 13.39 -4.37
CA CYS A 9 -20.83 14.57 -5.23
C CYS A 9 -21.88 14.43 -6.32
N GLY A 10 -22.49 13.28 -6.47
CA GLY A 10 -23.47 13.10 -7.51
C GLY A 10 -22.94 12.75 -8.88
N GLY A 11 -21.59 12.74 -9.09
CA GLY A 11 -20.99 12.40 -10.38
C GLY A 11 -21.29 10.97 -10.74
N GLU A 12 -21.20 10.63 -12.03
CA GLU A 12 -21.24 9.24 -12.48
C GLU A 12 -19.98 8.48 -12.05
N VAL A 13 -20.15 7.33 -11.41
CA VAL A 13 -18.98 6.48 -11.11
C VAL A 13 -18.69 5.47 -12.27
N ILE A 14 -17.44 5.04 -12.36
CA ILE A 14 -17.01 4.06 -13.32
C ILE A 14 -16.22 2.94 -12.60
N LEU A 15 -16.18 1.74 -13.20
CA LEU A 15 -15.47 0.61 -12.63
C LEU A 15 -14.05 0.58 -13.16
N ARG A 16 -13.07 0.47 -12.26
CA ARG A 16 -11.68 0.47 -12.63
C ARG A 16 -10.92 -0.33 -11.59
N ILE A 17 -9.84 -0.96 -12.02
CA ILE A 17 -8.99 -1.75 -11.13
C ILE A 17 -7.89 -0.85 -10.67
N PRO A 18 -7.84 -0.59 -9.37
CA PRO A 18 -6.73 0.21 -8.90
C PRO A 18 -5.36 -0.46 -9.16
N GLU A 19 -4.35 0.37 -9.36
CA GLU A 19 -2.99 -0.09 -9.55
C GLU A 19 -2.63 -0.95 -8.32
N GLY A 20 -2.09 -2.14 -8.58
CA GLY A 20 -1.69 -3.04 -7.49
C GLY A 20 -2.77 -4.04 -7.13
N ASP A 21 -4.03 -3.74 -7.51
CA ASP A 21 -5.17 -4.64 -7.33
C ASP A 21 -5.45 -5.47 -8.58
N THR A 22 -6.40 -6.38 -8.47
CA THR A 22 -6.83 -7.22 -9.60
C THR A 22 -8.34 -7.07 -9.85
N LEU A 23 -9.12 -6.77 -8.81
CA LEU A 23 -10.55 -6.57 -8.97
C LEU A 23 -10.93 -5.09 -9.12
N PRO A 24 -11.93 -4.82 -9.98
CA PRO A 24 -12.42 -3.48 -10.13
C PRO A 24 -13.18 -2.93 -8.90
N ARG A 25 -13.07 -1.61 -8.71
CA ARG A 25 -13.84 -0.83 -7.77
C ARG A 25 -14.61 0.27 -8.48
N TYR A 26 -15.69 0.74 -7.86
CA TYR A 26 -16.33 1.93 -8.31
C TYR A 26 -15.49 3.11 -7.86
N ILE A 27 -15.18 3.98 -8.78
CA ILE A 27 -14.47 5.23 -8.46
C ILE A 27 -15.22 6.37 -9.12
N CYS A 28 -15.16 7.53 -8.46
CA CYS A 28 -15.69 8.76 -8.98
C CYS A 28 -14.59 9.69 -9.57
N PRO A 29 -14.63 9.95 -10.88
CA PRO A 29 -13.64 10.83 -11.43
C PRO A 29 -13.81 12.31 -11.07
N LYS A 30 -14.99 12.71 -10.57
CA LYS A 30 -15.26 14.10 -10.26
C LYS A 30 -14.64 14.43 -8.90
N CYS A 31 -14.86 13.58 -7.91
CA CYS A 31 -14.26 13.88 -6.62
C CYS A 31 -13.03 13.02 -6.27
N HIS A 32 -12.69 12.06 -7.15
CA HIS A 32 -11.45 11.24 -7.09
C HIS A 32 -11.39 10.34 -5.88
N THR A 33 -12.49 9.62 -5.68
CA THR A 33 -12.61 8.75 -4.53
C THR A 33 -13.04 7.37 -5.00
N ILE A 34 -12.71 6.37 -4.19
CA ILE A 34 -13.03 4.98 -4.44
C ILE A 34 -14.25 4.64 -3.59
N HIS A 35 -15.18 3.90 -4.15
CA HIS A 35 -16.36 3.46 -3.40
C HIS A 35 -16.28 1.99 -3.15
N TYR A 36 -16.03 1.65 -1.90
CA TYR A 36 -15.89 0.26 -1.44
C TYR A 36 -17.25 -0.31 -1.09
N GLN A 37 -17.55 -1.52 -1.58
CA GLN A 37 -18.77 -2.23 -1.26
C GLN A 37 -18.39 -3.36 -0.33
N ASN A 38 -19.22 -3.62 0.65
CA ASN A 38 -18.89 -4.55 1.68
C ASN A 38 -20.01 -5.53 1.97
N PRO A 39 -19.69 -6.77 2.42
CA PRO A 39 -20.75 -7.73 2.79
C PRO A 39 -21.63 -7.28 3.95
N LYS A 40 -22.83 -7.86 4.01
CA LYS A 40 -23.86 -7.47 4.93
C LYS A 40 -24.17 -8.65 5.83
N VAL A 41 -24.33 -8.34 7.12
CA VAL A 41 -24.72 -9.32 8.10
C VAL A 41 -26.26 -9.40 8.26
N ILE A 42 -26.73 -10.60 8.48
CA ILE A 42 -28.10 -10.93 8.73
C ILE A 42 -27.99 -11.68 10.03
N VAL A 43 -28.68 -11.16 11.05
CA VAL A 43 -28.65 -11.72 12.39
C VAL A 43 -30.03 -12.32 12.61
N GLY A 44 -30.10 -13.45 13.30
CA GLY A 44 -31.36 -14.10 13.64
C GLY A 44 -31.21 -15.08 14.77
N CYS A 45 -32.29 -15.81 15.08
CA CYS A 45 -32.20 -16.77 16.16
C CYS A 45 -33.17 -17.91 16.07
N ILE A 46 -32.93 -18.86 16.96
CA ILE A 46 -33.73 -20.05 17.09
C ILE A 46 -34.47 -19.95 18.42
N PRO A 47 -35.68 -19.34 18.42
CA PRO A 47 -36.44 -19.19 19.65
C PRO A 47 -37.01 -20.53 20.15
N GLU A 48 -36.59 -20.94 21.36
CA GLU A 48 -36.98 -22.26 21.89
C GLU A 48 -37.98 -22.11 22.99
N TRP A 49 -39.02 -22.96 22.97
CA TRP A 49 -39.96 -23.07 24.05
C TRP A 49 -40.21 -24.54 24.30
N GLU A 50 -39.87 -25.02 25.49
CA GLU A 50 -39.85 -26.44 25.76
C GLU A 50 -39.03 -27.21 24.71
N ASN A 51 -39.66 -28.15 24.02
CA ASN A 51 -38.88 -28.80 22.96
CA ASN A 51 -39.11 -28.94 22.93
C ASN A 51 -39.16 -28.24 21.54
N LYS A 52 -39.89 -27.12 21.45
CA LYS A 52 -40.28 -26.54 20.15
C LYS A 52 -39.49 -25.29 19.78
N VAL A 53 -39.51 -24.95 18.49
CA VAL A 53 -38.87 -23.77 17.97
C VAL A 53 -39.89 -23.00 17.18
N LEU A 54 -39.75 -21.67 17.26
CA LEU A 54 -40.61 -20.75 16.55
C LEU A 54 -40.11 -20.54 15.15
N LEU A 55 -41.00 -20.75 14.20
CA LEU A 55 -40.76 -20.46 12.80
C LEU A 55 -41.81 -19.50 12.27
N CYS A 56 -41.43 -18.78 11.23
CA CYS A 56 -42.30 -17.78 10.59
C CYS A 56 -42.52 -18.10 9.14
N LYS A 57 -43.76 -17.95 8.69
CA LYS A 57 -44.15 -18.11 7.30
C LYS A 57 -44.10 -16.76 6.59
N ARG A 58 -43.40 -16.76 5.48
CA ARG A 58 -42.96 -15.55 4.82
C ARG A 58 -44.11 -14.94 4.03
N ALA A 59 -44.35 -13.65 4.26
CA ALA A 59 -45.40 -12.91 3.52
C ALA A 59 -44.86 -12.28 2.22
N ILE A 60 -43.55 -12.08 2.17
CA ILE A 60 -42.93 -11.26 1.14
C ILE A 60 -41.84 -12.06 0.42
N ALA A 61 -41.94 -12.07 -0.92
CA ALA A 61 -40.98 -12.75 -1.78
C ALA A 61 -39.55 -12.25 -1.54
N PRO A 62 -38.56 -13.11 -1.79
CA PRO A 62 -38.68 -14.46 -2.36
C PRO A 62 -39.21 -15.53 -1.38
N TYR A 63 -39.80 -16.57 -1.94
CA TYR A 63 -40.34 -17.70 -1.17
C TYR A 63 -41.39 -17.28 -0.14
N ARG A 64 -42.35 -16.45 -0.55
CA ARG A 64 -43.45 -16.23 0.36
C ARG A 64 -44.26 -17.53 0.41
N GLY A 65 -44.87 -17.78 1.56
CA GLY A 65 -45.48 -19.09 1.86
C GLY A 65 -44.52 -20.08 2.48
N LYS A 66 -43.24 -19.71 2.58
CA LYS A 66 -42.21 -20.61 3.07
C LYS A 66 -41.75 -20.23 4.46
N TRP A 67 -41.26 -21.22 5.17
CA TRP A 67 -40.86 -21.07 6.56
C TRP A 67 -39.39 -20.67 6.77
N THR A 68 -39.22 -19.82 7.75
CA THR A 68 -37.92 -19.37 8.12
C THR A 68 -37.88 -19.07 9.62
N LEU A 69 -36.67 -18.76 10.04
CA LEU A 69 -36.40 -18.40 11.40
C LEU A 69 -36.43 -16.88 11.43
N PRO A 70 -36.71 -16.29 12.59
CA PRO A 70 -36.62 -14.82 12.61
C PRO A 70 -35.20 -14.36 12.36
N ALA A 71 -35.03 -13.40 11.46
CA ALA A 71 -33.73 -13.08 10.94
C ALA A 71 -33.85 -11.86 10.05
N GLY A 72 -32.82 -11.01 10.03
CA GLY A 72 -32.86 -9.80 9.22
C GLY A 72 -31.52 -9.09 9.27
N PHE A 73 -31.38 -8.07 8.46
CA PHE A 73 -30.15 -7.28 8.35
C PHE A 73 -29.91 -6.58 9.65
N GLU A 75 -28.55 -3.68 11.89
CA GLU A 75 -28.54 -2.24 11.74
C GLU A 75 -27.32 -1.60 12.35
N ASN A 76 -27.05 -0.36 11.94
CA ASN A 76 -26.04 0.48 12.61
C ASN A 76 -26.46 0.74 14.08
N ASN A 77 -25.47 1.05 14.91
CA ASN A 77 -25.64 1.36 16.34
C ASN A 77 -26.36 0.31 17.19
N GLU A 78 -26.15 -0.95 16.82
CA GLU A 78 -26.65 -2.11 17.64
C GLU A 78 -25.62 -3.22 17.74
N THR A 79 -25.69 -3.99 18.83
CA THR A 79 -24.93 -5.19 18.96
C THR A 79 -25.62 -6.34 18.21
N LEU A 80 -24.87 -7.41 17.99
CA LEU A 80 -25.43 -8.66 17.41
C LEU A 80 -26.59 -9.20 18.21
N VAL A 81 -26.43 -9.34 19.52
CA VAL A 81 -27.56 -9.76 20.37
C VAL A 81 -28.84 -8.89 20.23
N GLN A 82 -28.68 -7.56 20.19
CA GLN A 82 -29.80 -6.59 20.01
C GLN A 82 -30.50 -6.78 18.69
N GLY A 83 -29.70 -6.89 17.64
CA GLY A 83 -30.16 -7.28 16.33
C GLY A 83 -31.02 -8.54 16.33
N ALA A 84 -30.53 -9.63 16.93
CA ALA A 84 -31.28 -10.90 17.02
C ALA A 84 -32.63 -10.74 17.74
N ALA A 85 -32.62 -10.04 18.89
CA ALA A 85 -33.83 -9.81 19.68
C ALA A 85 -34.80 -8.89 18.94
N ARG A 86 -34.24 -7.87 18.28
CA ARG A 86 -35.02 -6.93 17.48
C ARG A 86 -35.71 -7.56 16.27
N GLU A 87 -34.98 -8.32 15.48
CA GLU A 87 -35.61 -9.03 14.37
C GLU A 87 -36.71 -9.98 14.80
N THR A 88 -36.52 -10.66 15.93
CA THR A 88 -37.60 -11.53 16.39
C THR A 88 -38.85 -10.84 16.91
N LEU A 89 -38.69 -9.68 17.56
CA LEU A 89 -39.81 -8.90 17.99
C LEU A 89 -40.59 -8.40 16.77
N GLU A 90 -39.87 -7.96 15.73
CA GLU A 90 -40.43 -7.42 14.52
C GLU A 90 -41.14 -8.44 13.66
N GLU A 91 -40.54 -9.61 13.45
CA GLU A 91 -41.16 -10.62 12.60
C GLU A 91 -42.32 -11.35 13.28
N ALA A 92 -42.19 -11.59 14.59
CA ALA A 92 -43.02 -12.55 15.31
C ALA A 92 -43.69 -11.97 16.56
N ASN A 93 -43.41 -10.73 16.91
CA ASN A 93 -43.89 -10.17 18.14
C ASN A 93 -43.52 -10.99 19.32
N ALA A 94 -42.34 -11.61 19.29
CA ALA A 94 -41.93 -12.55 20.31
C ALA A 94 -40.77 -11.91 21.03
N ARG A 95 -40.82 -12.04 22.35
CA ARG A 95 -39.75 -11.60 23.22
C ARG A 95 -38.85 -12.80 23.51
N VAL A 96 -37.56 -12.63 23.25
CA VAL A 96 -36.60 -13.67 23.50
C VAL A 96 -35.46 -13.20 24.40
N GLU A 97 -34.83 -14.17 25.05
CA GLU A 97 -33.53 -13.93 25.62
C GLU A 97 -32.54 -14.64 24.73
N ILE A 98 -31.62 -13.85 24.17
CA ILE A 98 -30.61 -14.32 23.27
C ILE A 98 -29.56 -15.07 24.10
N ARG A 99 -29.21 -16.26 23.62
CA ARG A 99 -28.17 -17.06 24.29
C ARG A 99 -26.97 -17.29 23.36
N GLU A 100 -26.45 -18.53 23.30
CA GLU A 100 -25.16 -18.73 22.62
C GLU A 100 -25.31 -18.56 21.12
N LEU A 101 -24.28 -18.00 20.50
CA LEU A 101 -24.16 -18.09 19.05
C LEU A 101 -24.06 -19.56 18.61
N TYR A 102 -24.80 -19.91 17.57
CA TYR A 102 -24.89 -21.30 17.15
C TYR A 102 -24.25 -21.56 15.77
N ALA A 103 -24.54 -20.71 14.78
CA ALA A 103 -24.13 -20.93 13.40
C ALA A 103 -23.69 -19.61 12.81
N VAL A 104 -22.55 -19.61 12.11
CA VAL A 104 -22.04 -18.51 11.35
C VAL A 104 -21.82 -19.01 9.92
N TYR A 105 -22.62 -18.56 8.93
CA TYR A 105 -22.47 -18.96 7.55
C TYR A 105 -22.02 -17.81 6.65
N SER A 106 -21.08 -18.09 5.75
CA SER A 106 -20.74 -17.23 4.59
C SER A 106 -21.48 -17.62 3.35
N LEU A 107 -22.06 -16.62 2.69
CA LEU A 107 -22.70 -16.80 1.41
C LEU A 107 -21.95 -15.91 0.45
N PRO A 108 -20.76 -16.37 -0.01
CA PRO A 108 -19.89 -15.42 -0.75
C PRO A 108 -20.52 -14.89 -2.05
N HIS A 109 -21.27 -15.73 -2.74
CA HIS A 109 -21.94 -15.35 -3.99
C HIS A 109 -22.84 -14.12 -3.89
N ILE A 110 -23.37 -13.83 -2.71
CA ILE A 110 -24.23 -12.69 -2.51
C ILE A 110 -23.67 -11.80 -1.42
N SER A 111 -22.41 -12.05 -1.03
CA SER A 111 -21.73 -11.25 -0.04
C SER A 111 -22.57 -11.03 1.24
N GLN A 112 -23.00 -12.12 1.84
CA GLN A 112 -23.69 -12.06 3.11
C GLN A 112 -23.06 -13.01 4.12
N VAL A 113 -23.24 -12.68 5.38
CA VAL A 113 -22.90 -13.51 6.49
C VAL A 113 -24.11 -13.57 7.45
N TYR A 114 -24.54 -14.80 7.71
CA TYR A 114 -25.57 -15.12 8.66
C TYR A 114 -24.93 -15.54 9.98
N LEU A 116 -26.53 -16.86 13.62
CA LEU A 116 -27.74 -17.30 14.26
C LEU A 116 -27.44 -17.76 15.67
N PHE A 117 -28.24 -17.22 16.61
CA PHE A 117 -28.13 -17.45 18.01
C PHE A 117 -29.22 -18.38 18.46
N ARG A 118 -28.89 -19.19 19.47
CA ARG A 118 -29.93 -19.84 20.25
C ARG A 118 -30.64 -18.76 21.10
N ALA A 119 -31.93 -18.97 21.39
CA ALA A 119 -32.72 -17.97 22.09
C ALA A 119 -33.74 -18.68 22.99
N LYS A 120 -34.04 -18.09 24.14
CA LYS A 120 -35.13 -18.55 24.97
C LYS A 120 -36.37 -17.68 24.70
N LEU A 121 -37.46 -18.32 24.27
CA LEU A 121 -38.71 -17.64 24.19
C LEU A 121 -39.26 -17.33 25.60
N LEU A 122 -39.62 -16.06 25.84
CA LEU A 122 -40.02 -15.62 27.18
C LEU A 122 -41.51 -15.74 27.39
N ASP A 123 -42.31 -15.74 26.33
CA ASP A 123 -43.75 -16.03 26.51
C ASP A 123 -44.36 -16.51 25.21
N LEU A 124 -45.59 -16.97 25.30
CA LEU A 124 -46.31 -17.47 24.15
C LEU A 124 -47.18 -16.41 23.46
N ASP A 125 -47.09 -15.14 23.89
CA ASP A 125 -47.95 -14.00 23.42
C ASP A 125 -47.41 -13.36 22.13
N PHE A 126 -47.16 -14.21 21.13
CA PHE A 126 -46.57 -13.81 19.87
C PHE A 126 -47.56 -14.05 18.73
N PHE A 127 -47.33 -13.35 17.62
CA PHE A 127 -48.28 -13.25 16.51
C PHE A 127 -47.58 -12.54 15.36
N PRO A 128 -48.06 -12.75 14.13
CA PRO A 128 -47.30 -12.17 13.01
C PRO A 128 -47.08 -10.66 13.04
N GLY A 129 -45.85 -10.28 12.69
CA GLY A 129 -45.53 -8.95 12.15
C GLY A 129 -45.87 -8.93 10.68
N ILE A 130 -45.65 -7.81 10.04
CA ILE A 130 -46.08 -7.61 8.66
C ILE A 130 -45.30 -8.50 7.66
N GLU A 131 -44.03 -8.81 7.98
CA GLU A 131 -43.21 -9.66 7.11
C GLU A 131 -43.73 -11.14 7.07
N SER A 132 -44.57 -11.50 8.04
CA SER A 132 -45.05 -12.86 8.22
C SER A 132 -46.54 -13.04 8.10
N LEU A 133 -46.91 -14.15 7.46
CA LEU A 133 -48.28 -14.62 7.35
C LEU A 133 -48.76 -15.33 8.59
N GLU A 134 -47.88 -16.19 9.11
CA GLU A 134 -48.11 -16.89 10.35
C GLU A 134 -46.81 -17.18 11.08
N VAL A 135 -46.94 -17.42 12.38
CA VAL A 135 -45.84 -17.72 13.26
C VAL A 135 -46.39 -18.80 14.17
N ARG A 136 -45.57 -19.83 14.41
CA ARG A 136 -45.90 -20.86 15.37
C ARG A 136 -44.72 -21.74 15.82
N LEU A 137 -44.99 -22.48 16.89
CA LEU A 137 -44.02 -23.40 17.48
C LEU A 137 -44.12 -24.77 16.83
N PHE A 138 -42.95 -25.33 16.48
CA PHE A 138 -42.83 -26.66 15.89
C PHE A 138 -41.88 -27.50 16.73
N GLY A 139 -42.38 -28.70 17.04
CA GLY A 139 -41.54 -29.79 17.51
C GLY A 139 -40.77 -30.36 16.32
N GLU A 140 -39.70 -31.10 16.64
CA GLU A 140 -38.80 -31.65 15.63
C GLU A 140 -39.48 -32.44 14.52
N GLN A 141 -40.49 -33.24 14.90
CA GLN A 141 -41.28 -33.99 13.95
C GLN A 141 -42.30 -33.18 13.16
N GLU A 142 -42.53 -31.94 13.53
CA GLU A 142 -43.49 -31.09 12.81
C GLU A 142 -42.76 -30.12 11.87
N ILE A 143 -41.45 -29.98 11.97
CA ILE A 143 -40.80 -28.97 11.16
C ILE A 143 -41.02 -29.28 9.67
N PRO A 144 -41.53 -28.33 8.90
CA PRO A 144 -41.74 -28.62 7.50
C PRO A 144 -40.46 -28.38 6.69
N TRP A 145 -39.55 -29.34 6.78
CA TRP A 145 -38.21 -29.24 6.24
C TRP A 145 -38.21 -28.94 4.78
N ASN A 146 -39.15 -29.50 4.04
CA ASN A 146 -39.17 -29.20 2.61
C ASN A 146 -39.82 -27.90 2.23
N ASP A 147 -40.41 -27.23 3.21
CA ASP A 147 -41.01 -25.93 2.95
C ASP A 147 -40.21 -24.80 3.57
N ILE A 148 -38.95 -25.03 3.95
CA ILE A 148 -38.07 -24.01 4.51
C ILE A 148 -37.45 -23.22 3.36
N ALA A 149 -37.54 -21.90 3.45
CA ALA A 149 -37.27 -21.04 2.30
C ALA A 149 -35.80 -21.12 1.84
N PHE A 150 -34.88 -20.97 2.80
CA PHE A 150 -33.44 -20.81 2.51
C PHE A 150 -32.63 -21.95 3.09
N ARG A 151 -31.70 -22.47 2.28
CA ARG A 151 -30.67 -23.43 2.69
C ARG A 151 -29.90 -22.97 3.93
N VAL A 152 -29.59 -21.67 3.99
CA VAL A 152 -28.85 -21.13 5.13
C VAL A 152 -29.62 -21.21 6.45
N ILE A 153 -30.93 -21.36 6.38
CA ILE A 153 -31.76 -21.62 7.55
C ILE A 153 -31.98 -23.11 7.79
N HIS A 154 -32.37 -23.81 6.72
CA HIS A 154 -32.61 -25.26 6.76
C HIS A 154 -31.42 -26.06 7.37
N ASP A 155 -30.23 -25.87 6.80
CA ASP A 155 -29.05 -26.64 7.16
C ASP A 155 -28.68 -26.57 8.64
N PRO A 156 -28.48 -25.34 9.19
CA PRO A 156 -28.19 -25.20 10.61
C PRO A 156 -29.35 -25.66 11.51
N LEU A 157 -30.60 -25.47 11.10
CA LEU A 157 -31.69 -25.87 11.99
C LEU A 157 -31.76 -27.41 12.04
N LYS A 158 -31.50 -28.05 10.90
CA LYS A 158 -31.52 -29.51 10.84
C LYS A 158 -30.39 -30.09 11.71
N ARG A 159 -29.21 -29.47 11.64
CA ARG A 159 -28.08 -29.86 12.46
C ARG A 159 -28.36 -29.67 13.92
N TYR A 160 -28.97 -28.56 14.24
CA TYR A 160 -29.34 -28.20 15.59
C TYR A 160 -30.25 -29.22 16.23
N GLU A 162 -30.71 -32.38 15.19
CA GLU A 162 -29.83 -33.55 15.36
C GLU A 162 -28.97 -33.55 16.65
N GLU A 163 -28.14 -32.53 16.82
CA GLU A 163 -27.18 -32.47 17.91
C GLU A 163 -27.83 -32.34 19.25
N ARG A 164 -28.97 -31.69 19.25
CA ARG A 164 -29.84 -31.60 20.39
C ARG A 164 -30.07 -32.95 21.06
N HIS A 165 -30.08 -34.04 20.26
CA HIS A 165 -30.29 -35.40 20.78
C HIS A 165 -29.09 -35.93 21.57
N HIS A 166 -27.90 -35.82 20.98
CA HIS A 166 -26.70 -36.28 21.66
C HIS A 166 -26.25 -35.35 22.80
N GLY A 167 -26.53 -34.04 22.72
CA GLY A 167 -26.08 -33.12 23.76
C GLY A 167 -26.59 -31.72 23.57
N GLN A 168 -25.84 -30.72 24.05
CA GLN A 168 -26.18 -29.32 23.74
C GLN A 168 -25.29 -28.81 22.60
N PRO A 169 -25.92 -28.50 21.45
CA PRO A 169 -25.29 -28.20 20.15
C PRO A 169 -24.04 -27.32 20.16
N ALA A 170 -23.00 -27.85 19.53
CA ALA A 170 -21.74 -27.16 19.30
C ALA A 170 -21.86 -26.03 18.22
N PHE A 171 -21.31 -24.86 18.54
CA PHE A 171 -21.21 -23.78 17.58
C PHE A 171 -20.53 -24.23 16.27
N HIS A 172 -21.03 -23.89 15.08
CA HIS A 172 -20.23 -24.17 13.86
C HIS A 172 -20.25 -23.08 12.78
N LEU A 173 -19.21 -23.12 11.94
CA LEU A 173 -19.09 -22.27 10.78
C LEU A 173 -19.53 -23.03 9.54
N GLY A 174 -20.29 -22.38 8.68
CA GLY A 174 -20.70 -23.01 7.42
C GLY A 174 -20.48 -22.08 6.21
N ILE A 175 -20.62 -22.69 5.03
CA ILE A 175 -20.46 -22.01 3.73
C ILE A 175 -21.50 -22.57 2.81
N ILE A 176 -22.29 -21.68 2.22
CA ILE A 176 -23.24 -22.05 1.20
C ILE A 176 -22.78 -21.29 -0.03
N ASN A 177 -22.46 -22.04 -1.08
CA ASN A 177 -21.95 -21.47 -2.34
C ASN A 177 -23.13 -21.29 -3.24
N LYS A 178 -22.95 -20.61 -4.35
CA LYS A 178 -24.08 -20.22 -5.16
C LYS A 178 -24.98 -21.43 -5.36
N PRO A 179 -26.31 -21.23 -5.44
CA PRO A 179 -27.23 -22.36 -5.65
C PRO A 179 -26.98 -23.19 -6.92
N LYS B 4 -24.86 12.29 0.64
CA LYS B 4 -25.43 13.49 0.01
C LYS B 4 -26.25 13.20 -1.24
N PHE B 5 -25.82 12.22 -2.02
CA PHE B 5 -26.49 11.92 -3.30
C PHE B 5 -26.90 10.47 -3.39
N CYS B 6 -27.87 10.21 -4.27
CA CYS B 6 -28.38 8.90 -4.51
C CYS B 6 -27.50 8.18 -5.53
N SER B 7 -26.99 7.04 -5.12
CA SER B 7 -26.15 6.18 -5.94
C SER B 7 -26.79 5.59 -7.18
N GLN B 8 -28.12 5.59 -7.26
CA GLN B 8 -28.84 4.98 -8.38
C GLN B 8 -29.22 6.00 -9.47
N CYS B 9 -29.59 7.22 -9.06
CA CYS B 9 -29.96 8.29 -9.98
C CYS B 9 -29.22 9.64 -9.84
N GLY B 10 -28.42 9.83 -8.81
CA GLY B 10 -27.70 11.09 -8.66
C GLY B 10 -28.49 12.25 -8.03
N GLY B 11 -29.77 12.03 -7.72
CA GLY B 11 -30.56 13.00 -6.97
C GLY B 11 -30.00 13.17 -5.57
N GLU B 12 -30.34 14.30 -4.95
CA GLU B 12 -29.90 14.60 -3.57
C GLU B 12 -30.81 13.87 -2.63
N VAL B 13 -30.23 13.17 -1.64
CA VAL B 13 -31.00 12.44 -0.64
C VAL B 13 -31.36 13.31 0.58
N ILE B 14 -32.39 12.89 1.32
CA ILE B 14 -32.89 13.62 2.50
C ILE B 14 -33.22 12.61 3.61
N LEU B 15 -33.13 13.06 4.85
CA LEU B 15 -33.36 12.13 5.97
C LEU B 15 -34.84 12.06 6.37
N ARG B 16 -35.45 10.90 6.18
CA ARG B 16 -36.83 10.67 6.58
C ARG B 16 -37.00 9.40 7.42
N ILE B 17 -37.97 9.45 8.35
CA ILE B 17 -38.33 8.30 9.16
C ILE B 17 -39.46 7.61 8.43
N PRO B 18 -39.22 6.40 7.90
CA PRO B 18 -40.38 5.73 7.32
C PRO B 18 -41.54 5.42 8.30
N GLU B 19 -42.74 5.28 7.74
CA GLU B 19 -43.94 4.98 8.54
C GLU B 19 -43.68 3.70 9.30
N GLY B 20 -43.89 3.71 10.60
CA GLY B 20 -43.73 2.49 11.38
C GLY B 20 -42.37 2.36 12.04
N ASP B 21 -41.38 3.10 11.51
CA ASP B 21 -40.00 3.17 12.06
C ASP B 21 -39.93 4.36 13.04
N THR B 22 -38.82 4.41 13.79
CA THR B 22 -38.60 5.52 14.72
C THR B 22 -37.33 6.31 14.33
N LEU B 23 -36.48 5.72 13.49
CA LEU B 23 -35.21 6.34 13.08
C LEU B 23 -35.17 6.75 11.60
N PRO B 24 -34.46 7.84 11.27
CA PRO B 24 -34.29 8.24 9.88
C PRO B 24 -33.46 7.32 9.00
N ARG B 25 -33.77 7.36 7.71
CA ARG B 25 -33.03 6.69 6.64
C ARG B 25 -32.85 7.74 5.58
N TYR B 26 -31.79 7.64 4.79
CA TYR B 26 -31.63 8.50 3.64
C TYR B 26 -32.56 7.94 2.63
N ILE B 27 -33.41 8.81 2.08
CA ILE B 27 -34.26 8.46 0.99
C ILE B 27 -34.02 9.40 -0.15
N CYS B 28 -34.35 8.91 -1.33
CA CYS B 28 -34.23 9.68 -2.55
C CYS B 28 -35.59 10.02 -3.19
N PRO B 29 -35.89 11.34 -3.26
CA PRO B 29 -37.17 11.80 -3.73
C PRO B 29 -37.27 11.83 -5.26
N LYS B 30 -36.16 11.64 -5.96
CA LYS B 30 -36.14 11.68 -7.43
C LYS B 30 -36.56 10.28 -7.93
N CYS B 31 -35.98 9.24 -7.35
CA CYS B 31 -36.33 7.82 -7.69
C CYS B 31 -37.13 7.05 -6.64
N HIS B 32 -37.38 7.67 -5.48
CA HIS B 32 -38.39 7.13 -4.50
C HIS B 32 -37.99 5.77 -3.90
N THR B 33 -36.77 5.77 -3.37
CA THR B 33 -36.12 4.60 -2.87
C THR B 33 -35.45 4.91 -1.55
N ILE B 34 -35.32 3.90 -0.72
CA ILE B 34 -34.69 4.03 0.58
C ILE B 34 -33.28 3.52 0.46
N HIS B 35 -32.32 4.27 1.03
CA HIS B 35 -30.92 3.86 1.04
C HIS B 35 -30.47 3.43 2.46
N TYR B 36 -30.33 2.15 2.66
CA TYR B 36 -29.94 1.58 3.96
C TYR B 36 -28.41 1.56 4.20
N GLN B 37 -28.00 1.86 5.40
CA GLN B 37 -26.61 1.73 5.81
C GLN B 37 -26.54 0.54 6.76
N ASN B 38 -25.45 -0.22 6.68
CA ASN B 38 -25.30 -1.43 7.44
C ASN B 38 -23.96 -1.47 8.10
N PRO B 39 -23.85 -2.20 9.23
CA PRO B 39 -22.51 -2.27 9.80
C PRO B 39 -21.50 -3.11 8.95
N LYS B 40 -20.24 -2.92 9.29
CA LYS B 40 -19.15 -3.55 8.55
C LYS B 40 -18.40 -4.55 9.40
N VAL B 41 -18.08 -5.67 8.75
CA VAL B 41 -17.27 -6.71 9.36
C VAL B 41 -15.77 -6.55 9.07
N ILE B 42 -15.00 -6.70 10.15
CA ILE B 42 -13.59 -6.77 10.16
C ILE B 42 -13.23 -8.19 10.58
N VAL B 43 -12.46 -8.85 9.73
CA VAL B 43 -11.99 -10.22 9.96
C VAL B 43 -10.52 -10.22 10.17
N GLY B 44 -10.04 -11.04 11.07
CA GLY B 44 -8.63 -11.23 11.19
C GLY B 44 -8.26 -12.46 12.01
N CYS B 45 -6.99 -12.58 12.37
CA CYS B 45 -6.57 -13.78 13.10
C CYS B 45 -5.37 -13.59 14.00
N ILE B 46 -5.16 -14.60 14.86
CA ILE B 46 -4.02 -14.72 15.80
C ILE B 46 -3.10 -15.80 15.17
N PRO B 47 -2.09 -15.41 14.36
CA PRO B 47 -1.14 -16.37 13.78
C PRO B 47 -0.15 -16.99 14.81
N GLU B 48 -0.33 -18.27 15.11
CA GLU B 48 0.51 -18.98 16.09
C GLU B 48 1.65 -19.76 15.45
N TRP B 49 2.82 -19.59 16.04
CA TRP B 49 4.02 -20.35 15.69
C TRP B 49 4.66 -20.78 16.97
N GLU B 50 4.71 -22.10 17.16
CA GLU B 50 5.17 -22.65 18.43
C GLU B 50 4.41 -21.94 19.57
N ASN B 51 5.06 -21.29 20.52
CA ASN B 51 4.24 -20.63 21.55
C ASN B 51 4.12 -19.09 21.35
N LYS B 52 4.36 -18.65 20.12
CA LYS B 52 4.40 -17.21 19.83
C LYS B 52 3.27 -16.79 18.90
N VAL B 53 2.97 -15.50 18.90
CA VAL B 53 1.96 -14.90 18.01
C VAL B 53 2.54 -13.78 17.18
N LEU B 54 2.04 -13.66 15.95
CA LEU B 54 2.45 -12.61 15.01
C LEU B 54 1.64 -11.33 15.18
N LEU B 55 2.34 -10.24 15.47
CA LEU B 55 1.79 -8.91 15.49
C LEU B 55 2.46 -8.06 14.45
N CYS B 56 1.73 -7.00 14.10
CA CYS B 56 2.09 -5.99 13.12
C CYS B 56 2.09 -4.64 13.75
N LYS B 57 3.13 -3.85 13.48
CA LYS B 57 3.23 -2.46 13.90
C LYS B 57 2.64 -1.64 12.75
N ARG B 58 1.60 -0.87 13.04
CA ARG B 58 0.84 -0.16 12.04
C ARG B 58 1.66 0.97 11.41
N ALA B 59 1.47 1.19 10.09
CA ALA B 59 2.15 2.32 9.38
C ALA B 59 1.19 3.45 9.08
N ILE B 60 -0.10 3.20 9.20
CA ILE B 60 -1.11 4.15 8.81
C ILE B 60 -2.05 4.41 9.99
N ALA B 61 -2.25 5.71 10.24
CA ALA B 61 -3.17 6.17 11.28
C ALA B 61 -4.56 5.56 11.10
N PRO B 62 -5.32 5.43 12.22
CA PRO B 62 -4.93 5.87 13.58
C PRO B 62 -3.92 4.93 14.28
N TYR B 63 -3.22 5.47 15.27
CA TYR B 63 -2.24 4.77 16.10
C TYR B 63 -1.07 4.13 15.35
N ARG B 64 -0.52 4.88 14.40
CA ARG B 64 0.75 4.53 13.83
C ARG B 64 1.77 4.19 14.94
N GLY B 65 2.58 3.17 14.70
CA GLY B 65 3.61 2.77 15.66
C GLY B 65 3.10 1.89 16.81
N LYS B 66 1.80 1.67 16.83
CA LYS B 66 1.20 0.76 17.78
C LYS B 66 1.01 -0.61 17.09
N TRP B 67 0.92 -1.66 17.91
CA TRP B 67 0.90 -3.03 17.45
C TRP B 67 -0.56 -3.54 17.31
N THR B 68 -0.76 -4.48 16.40
CA THR B 68 -2.08 -5.08 16.20
C THR B 68 -1.98 -6.48 15.55
N LEU B 69 -3.13 -7.16 15.45
CA LEU B 69 -3.24 -8.41 14.76
C LEU B 69 -3.58 -8.16 13.28
N PRO B 70 -3.18 -9.09 12.41
CA PRO B 70 -3.64 -8.93 11.03
C PRO B 70 -5.17 -9.01 10.98
N ALA B 71 -5.78 -7.98 10.41
CA ALA B 71 -7.22 -7.78 10.44
C ALA B 71 -7.60 -6.67 9.47
N GLY B 72 -8.78 -6.76 8.89
CA GLY B 72 -9.24 -5.64 8.05
C GLY B 72 -10.63 -5.92 7.55
N PHE B 73 -11.15 -5.01 6.73
CA PHE B 73 -12.50 -5.14 6.29
C PHE B 73 -12.63 -6.37 5.41
N GLU B 75 -14.19 -8.39 2.37
CA GLU B 75 -14.60 -7.97 1.00
C GLU B 75 -15.75 -8.82 0.47
N ASN B 76 -16.26 -8.42 -0.66
CA ASN B 76 -17.40 -9.08 -1.25
C ASN B 76 -16.85 -10.35 -1.92
N ASN B 77 -17.72 -11.31 -2.16
CA ASN B 77 -17.34 -12.57 -2.78
C ASN B 77 -16.21 -13.30 -2.08
N GLU B 78 -16.21 -13.30 -0.76
CA GLU B 78 -15.32 -14.15 -0.01
C GLU B 78 -15.97 -14.68 1.24
N THR B 79 -15.44 -15.78 1.74
CA THR B 79 -15.85 -16.33 3.03
C THR B 79 -15.11 -15.64 4.17
N LEU B 80 -15.55 -15.90 5.40
CA LEU B 80 -14.92 -15.33 6.56
C LEU B 80 -13.46 -15.81 6.64
N VAL B 81 -13.24 -17.09 6.41
CA VAL B 81 -11.91 -17.74 6.52
CA VAL B 81 -11.87 -17.63 6.58
C VAL B 81 -10.97 -17.19 5.43
N GLN B 82 -11.53 -17.02 4.26
CA GLN B 82 -10.81 -16.47 3.12
C GLN B 82 -10.37 -15.07 3.37
N GLY B 83 -11.27 -14.27 3.92
CA GLY B 83 -10.95 -12.92 4.35
C GLY B 83 -9.82 -12.84 5.36
N ALA B 84 -9.88 -13.67 6.41
CA ALA B 84 -8.81 -13.63 7.48
C ALA B 84 -7.40 -13.98 6.97
N ALA B 85 -7.31 -15.04 6.14
CA ALA B 85 -6.09 -15.44 5.49
C ALA B 85 -5.60 -14.36 4.53
N ARG B 86 -6.51 -13.70 3.79
CA ARG B 86 -6.14 -12.68 2.82
C ARG B 86 -5.56 -11.46 3.54
N GLU B 87 -6.22 -11.07 4.62
CA GLU B 87 -5.75 -9.93 5.40
C GLU B 87 -4.40 -10.19 6.02
N THR B 88 -4.15 -11.43 6.43
CA THR B 88 -2.83 -11.79 6.98
C THR B 88 -1.69 -11.74 5.94
N LEU B 89 -1.95 -12.30 4.75
CA LEU B 89 -1.05 -12.22 3.61
C LEU B 89 -0.74 -10.76 3.19
N GLU B 90 -1.77 -9.92 3.16
CA GLU B 90 -1.64 -8.52 2.74
C GLU B 90 -0.85 -7.64 3.73
N GLU B 91 -1.08 -7.87 5.02
CA GLU B 91 -0.47 -7.04 6.06
C GLU B 91 0.91 -7.54 6.46
N ALA B 92 1.11 -8.86 6.36
CA ALA B 92 2.31 -9.51 6.95
C ALA B 92 3.04 -10.44 6.00
N ASN B 93 2.61 -10.53 4.75
CA ASN B 93 3.18 -11.52 3.79
C ASN B 93 3.27 -12.91 4.39
N ALA B 94 2.24 -13.26 5.15
CA ALA B 94 2.28 -14.47 5.96
C ALA B 94 1.18 -15.42 5.49
N ARG B 95 1.53 -16.70 5.38
CA ARG B 95 0.61 -17.77 5.05
C ARG B 95 0.16 -18.45 6.35
N VAL B 96 -1.17 -18.51 6.52
CA VAL B 96 -1.79 -19.12 7.66
C VAL B 96 -2.84 -20.10 7.20
N GLU B 97 -3.01 -21.12 8.00
CA GLU B 97 -4.22 -21.94 7.98
C GLU B 97 -5.15 -21.41 9.06
N ILE B 98 -6.38 -21.05 8.68
CA ILE B 98 -7.33 -20.52 9.66
C ILE B 98 -7.98 -21.65 10.44
N ARG B 99 -8.00 -21.50 11.77
CA ARG B 99 -8.60 -22.56 12.58
C ARG B 99 -9.90 -22.04 13.21
N GLU B 100 -10.15 -22.32 14.46
CA GLU B 100 -11.44 -21.98 15.07
C GLU B 100 -11.66 -20.48 15.26
N LEU B 101 -12.89 -20.04 15.03
CA LEU B 101 -13.31 -18.73 15.43
C LEU B 101 -13.17 -18.63 16.95
N TYR B 102 -12.54 -17.56 17.41
CA TYR B 102 -12.20 -17.39 18.80
C TYR B 102 -12.99 -16.25 19.39
N ALA B 103 -13.09 -15.14 18.68
CA ALA B 103 -13.75 -13.98 19.24
C ALA B 103 -14.63 -13.23 18.24
N VAL B 104 -15.82 -12.92 18.70
CA VAL B 104 -16.70 -12.02 18.01
C VAL B 104 -17.07 -10.78 18.86
N TYR B 105 -16.76 -9.58 18.35
CA TYR B 105 -16.96 -8.34 19.08
C TYR B 105 -17.89 -7.38 18.32
N SER B 106 -18.88 -6.85 19.02
CA SER B 106 -19.74 -5.80 18.48
C SER B 106 -19.23 -4.43 18.95
N LEU B 107 -19.07 -3.51 18.01
CA LEU B 107 -18.64 -2.13 18.30
C LEU B 107 -19.75 -1.20 17.81
N PRO B 108 -20.85 -1.11 18.59
CA PRO B 108 -22.06 -0.47 18.02
C PRO B 108 -21.93 1.02 17.71
N HIS B 109 -21.13 1.72 18.48
CA HIS B 109 -20.86 3.12 18.31
C HIS B 109 -20.26 3.43 16.94
N ILE B 110 -19.56 2.49 16.35
CA ILE B 110 -18.94 2.72 15.03
C ILE B 110 -19.47 1.68 14.02
N SER B 111 -20.51 0.93 14.40
CA SER B 111 -21.20 0.03 13.47
C SER B 111 -20.24 -0.93 12.80
N GLN B 112 -19.44 -1.58 13.67
CA GLN B 112 -18.49 -2.60 13.28
C GLN B 112 -18.66 -3.90 14.04
N VAL B 113 -18.32 -5.00 13.36
CA VAL B 113 -18.25 -6.30 13.98
C VAL B 113 -16.85 -6.87 13.69
N TYR B 114 -16.15 -7.26 14.76
CA TYR B 114 -14.85 -7.92 14.61
C TYR B 114 -15.02 -9.39 14.80
N LEU B 116 -12.47 -12.65 15.00
CA LEU B 116 -11.06 -13.04 15.21
C LEU B 116 -10.94 -14.56 15.30
N PHE B 117 -10.23 -15.13 14.32
CA PHE B 117 -9.96 -16.57 14.23
C PHE B 117 -8.63 -16.94 14.86
N ARG B 118 -8.55 -18.13 15.45
CA ARG B 118 -7.26 -18.79 15.71
C ARG B 118 -6.60 -19.16 14.39
N ALA B 119 -5.27 -19.12 14.31
CA ALA B 119 -4.62 -19.53 13.06
C ALA B 119 -3.22 -20.06 13.30
N LYS B 120 -2.83 -20.96 12.38
CA LYS B 120 -1.53 -21.64 12.31
C LYS B 120 -0.66 -20.95 11.23
N LEU B 121 0.37 -20.27 11.66
CA LEU B 121 1.37 -19.78 10.73
C LEU B 121 2.09 -20.94 10.06
N LEU B 122 2.22 -20.91 8.74
CA LEU B 122 2.73 -22.06 8.00
C LEU B 122 4.22 -21.95 7.66
N ASP B 123 4.80 -20.76 7.78
CA ASP B 123 6.23 -20.61 7.62
C ASP B 123 6.62 -19.28 8.24
N LEU B 124 7.93 -19.07 8.33
CA LEU B 124 8.49 -17.87 8.91
C LEU B 124 8.95 -16.86 7.85
N ASP B 125 8.64 -17.13 6.58
CA ASP B 125 9.09 -16.25 5.46
C ASP B 125 8.14 -15.08 5.20
N PHE B 126 7.91 -14.33 6.28
CA PHE B 126 7.02 -13.22 6.26
C PHE B 126 7.81 -11.90 6.53
N PHE B 127 7.11 -10.77 6.29
CA PHE B 127 7.70 -9.40 6.23
C PHE B 127 6.57 -8.41 5.92
N PRO B 128 6.74 -7.12 6.32
CA PRO B 128 5.68 -6.14 6.23
C PRO B 128 5.15 -5.90 4.82
N GLY B 129 3.84 -5.95 4.68
CA GLY B 129 3.17 -5.28 3.57
C GLY B 129 3.11 -3.76 3.84
N ILE B 130 2.59 -3.01 2.87
CA ILE B 130 2.52 -1.53 2.93
C ILE B 130 1.82 -0.94 4.19
N GLU B 131 0.80 -1.61 4.71
CA GLU B 131 0.15 -1.12 5.95
C GLU B 131 0.97 -1.34 7.23
N SER B 132 2.10 -2.05 7.13
CA SER B 132 2.87 -2.45 8.32
C SER B 132 4.27 -1.87 8.30
N LEU B 133 4.72 -1.35 9.43
CA LEU B 133 6.11 -0.90 9.59
C LEU B 133 6.99 -2.10 9.84
N GLU B 134 6.46 -2.99 10.68
CA GLU B 134 7.15 -4.18 10.98
C GLU B 134 6.24 -5.29 11.44
N VAL B 135 6.76 -6.50 11.34
CA VAL B 135 6.03 -7.72 11.69
C VAL B 135 6.99 -8.64 12.41
N ARG B 136 6.52 -9.19 13.52
CA ARG B 136 7.30 -10.17 14.24
C ARG B 136 6.49 -11.05 15.20
N LEU B 137 7.15 -12.10 15.69
CA LEU B 137 6.56 -13.07 16.62
C LEU B 137 6.92 -12.64 18.00
N PHE B 138 5.99 -12.77 18.94
CA PHE B 138 6.21 -12.42 20.33
C PHE B 138 5.80 -13.61 21.19
N GLY B 139 6.64 -13.98 22.15
CA GLY B 139 6.17 -14.78 23.27
C GLY B 139 5.18 -13.98 24.10
N GLU B 140 4.50 -14.65 25.00
CA GLU B 140 3.49 -14.00 25.84
C GLU B 140 4.06 -12.89 26.73
N GLN B 141 5.25 -13.13 27.26
CA GLN B 141 5.97 -12.14 28.08
C GLN B 141 6.58 -11.00 27.26
N GLU B 142 6.69 -11.15 25.94
CA GLU B 142 7.22 -10.09 25.05
C GLU B 142 6.16 -9.13 24.53
N ILE B 143 4.90 -9.56 24.51
CA ILE B 143 3.80 -8.74 23.96
C ILE B 143 3.71 -7.39 24.69
N PRO B 144 3.81 -6.29 23.92
CA PRO B 144 3.76 -4.96 24.51
C PRO B 144 2.31 -4.55 24.71
N TRP B 145 1.71 -4.98 25.81
CA TRP B 145 0.29 -4.82 26.04
C TRP B 145 -0.15 -3.35 26.05
N ASN B 146 0.75 -2.46 26.45
CA ASN B 146 0.39 -1.04 26.52
C ASN B 146 0.45 -0.35 25.17
N ASP B 147 1.00 -1.04 24.18
CA ASP B 147 1.23 -0.46 22.88
C ASP B 147 0.36 -1.10 21.86
N ILE B 148 -0.66 -1.81 22.31
CA ILE B 148 -1.61 -2.39 21.37
C ILE B 148 -2.57 -1.26 20.96
N ALA B 149 -2.74 -1.11 19.66
CA ALA B 149 -3.56 -0.04 19.10
C ALA B 149 -5.01 0.02 19.65
N PHE B 150 -5.75 -1.09 19.44
CA PHE B 150 -7.17 -1.14 19.67
C PHE B 150 -7.53 -2.04 20.86
N ARG B 151 -8.42 -1.57 21.70
CA ARG B 151 -8.97 -2.42 22.77
C ARG B 151 -9.62 -3.74 22.22
N VAL B 152 -10.25 -3.67 21.05
CA VAL B 152 -10.91 -4.83 20.44
C VAL B 152 -9.87 -5.94 20.06
N ILE B 153 -8.61 -5.54 19.85
CA ILE B 153 -7.49 -6.44 19.67
C ILE B 153 -6.87 -6.82 21.03
N HIS B 154 -6.60 -5.82 21.86
CA HIS B 154 -5.92 -6.05 23.16
C HIS B 154 -6.66 -7.07 24.03
N ASP B 155 -7.97 -6.87 24.21
CA ASP B 155 -8.77 -7.69 25.12
C ASP B 155 -8.86 -9.18 24.72
N PRO B 156 -9.35 -9.47 23.53
CA PRO B 156 -9.37 -10.91 23.19
C PRO B 156 -7.97 -11.55 23.17
N LEU B 157 -6.93 -10.82 22.77
CA LEU B 157 -5.59 -11.40 22.71
C LEU B 157 -5.05 -11.76 24.08
N LYS B 158 -5.27 -10.90 25.06
CA LYS B 158 -4.82 -11.14 26.41
C LYS B 158 -5.58 -12.32 27.03
N ARG B 159 -6.86 -12.41 26.70
CA ARG B 159 -7.67 -13.48 27.18
C ARG B 159 -7.20 -14.77 26.55
N TYR B 160 -6.88 -14.72 25.27
CA TYR B 160 -6.45 -15.90 24.54
C TYR B 160 -5.17 -16.45 25.18
N GLU B 162 -3.86 -15.96 28.08
CA GLU B 162 -4.07 -16.40 29.46
C GLU B 162 -4.88 -17.68 29.57
N GLU B 163 -5.96 -17.80 28.78
CA GLU B 163 -6.80 -19.00 28.85
C GLU B 163 -6.14 -20.26 28.33
N ARG B 164 -5.19 -20.11 27.41
CA ARG B 164 -4.61 -21.28 26.79
C ARG B 164 -3.50 -21.94 27.62
N HIS B 165 -3.21 -21.40 28.80
CA HIS B 165 -2.45 -22.15 29.80
C HIS B 165 -3.30 -23.28 30.40
N HIS B 166 -4.61 -23.15 30.27
CA HIS B 166 -5.55 -24.02 30.94
C HIS B 166 -6.27 -24.97 29.96
N GLY B 167 -5.92 -24.92 28.69
CA GLY B 167 -6.63 -25.69 27.68
C GLY B 167 -7.14 -24.79 26.57
N GLN B 168 -7.89 -25.36 25.62
CA GLN B 168 -8.21 -24.64 24.38
C GLN B 168 -9.15 -23.48 24.71
N PRO B 169 -8.70 -22.23 24.46
CA PRO B 169 -9.57 -21.11 24.82
C PRO B 169 -10.96 -21.24 24.21
N ALA B 170 -11.98 -20.90 24.98
CA ALA B 170 -13.33 -21.06 24.56
C ALA B 170 -13.70 -19.81 23.78
N PHE B 171 -14.48 -20.03 22.73
CA PHE B 171 -15.04 -18.97 21.96
C PHE B 171 -15.82 -18.03 22.82
N HIS B 172 -15.67 -16.72 22.61
CA HIS B 172 -16.59 -15.77 23.26
C HIS B 172 -17.03 -14.58 22.40
N LEU B 173 -18.12 -13.99 22.85
CA LEU B 173 -18.78 -12.90 22.17
C LEU B 173 -18.53 -11.69 23.08
N GLY B 174 -17.98 -10.60 22.55
CA GLY B 174 -17.76 -9.37 23.33
C GLY B 174 -18.46 -8.13 22.78
N ILE B 175 -18.49 -7.09 23.62
CA ILE B 175 -19.00 -5.78 23.22
C ILE B 175 -18.03 -4.72 23.73
N ILE B 176 -17.66 -3.79 22.86
CA ILE B 176 -16.97 -2.58 23.29
C ILE B 176 -17.83 -1.39 22.91
N ASN B 177 -18.19 -0.60 23.91
CA ASN B 177 -19.02 0.57 23.74
C ASN B 177 -18.13 1.79 23.68
N LYS B 178 -18.73 2.93 23.38
CA LYS B 178 -17.95 4.14 23.16
C LYS B 178 -17.07 4.46 24.36
N LYS C 4 25.45 -3.57 9.63
CA LYS C 4 26.02 -4.41 10.69
C LYS C 4 26.74 -5.68 10.19
N PHE C 5 26.26 -6.21 9.06
CA PHE C 5 26.75 -7.47 8.55
C PHE C 5 27.02 -7.41 7.06
N CYS C 6 27.84 -8.32 6.61
CA CYS C 6 28.29 -8.38 5.21
C CYS C 6 27.33 -9.26 4.42
N SER C 7 26.78 -8.71 3.33
CA SER C 7 25.77 -9.34 2.52
C SER C 7 26.29 -10.52 1.70
N GLN C 8 27.62 -10.58 1.59
CA GLN C 8 28.33 -11.65 0.90
C GLN C 8 28.69 -12.86 1.76
N CYS C 9 29.16 -12.64 2.99
CA CYS C 9 29.57 -13.76 3.87
C CYS C 9 28.83 -13.79 5.21
N GLY C 10 28.12 -12.72 5.57
CA GLY C 10 27.36 -12.68 6.83
C GLY C 10 28.18 -12.35 8.04
N GLY C 11 29.47 -12.11 7.84
CA GLY C 11 30.32 -11.61 8.88
C GLY C 11 29.97 -10.19 9.25
N GLU C 12 30.32 -9.80 10.45
CA GLU C 12 30.09 -8.41 10.85
C GLU C 12 31.04 -7.42 10.17
N VAL C 13 30.49 -6.31 9.72
CA VAL C 13 31.32 -5.30 9.07
C VAL C 13 31.71 -4.22 10.07
N ILE C 14 32.80 -3.54 9.76
CA ILE C 14 33.32 -2.46 10.57
C ILE C 14 33.66 -1.25 9.69
N LEU C 15 33.69 -0.08 10.32
CA LEU C 15 34.03 1.19 9.67
C LEU C 15 35.52 1.40 9.77
N ARG C 16 36.18 1.70 8.65
CA ARG C 16 37.59 1.96 8.66
C ARG C 16 37.90 2.92 7.54
N ILE C 17 38.89 3.79 7.78
CA ILE C 17 39.34 4.75 6.80
C ILE C 17 40.35 4.07 5.88
N PRO C 18 40.03 3.94 4.59
CA PRO C 18 41.08 3.39 3.70
C PRO C 18 42.32 4.30 3.62
N GLU C 19 43.46 3.69 3.33
CA GLU C 19 44.71 4.41 3.14
C GLU C 19 44.50 5.30 1.92
N GLY C 20 44.73 6.59 2.11
CA GLY C 20 44.64 7.56 1.03
C GLY C 20 43.45 8.46 1.26
N ASP C 21 42.39 7.88 1.83
CA ASP C 21 41.13 8.57 2.10
C ASP C 21 41.13 9.22 3.48
N THR C 22 40.06 9.99 3.72
CA THR C 22 39.82 10.63 4.99
C THR C 22 38.51 10.15 5.62
N LEU C 23 37.65 9.52 4.83
CA LEU C 23 36.32 9.13 5.28
C LEU C 23 36.23 7.61 5.43
N PRO C 24 35.66 7.14 6.57
CA PRO C 24 35.50 5.70 6.80
C PRO C 24 34.53 5.05 5.87
N ARG C 25 34.78 3.78 5.56
CA ARG C 25 33.86 2.93 4.79
C ARG C 25 33.60 1.67 5.58
N TYR C 26 32.54 0.98 5.26
CA TYR C 26 32.28 -0.34 5.83
C TYR C 26 33.11 -1.42 5.13
N ILE C 27 33.91 -2.12 5.92
CA ILE C 27 34.72 -3.21 5.39
C ILE C 27 34.37 -4.52 6.13
N CYS C 28 34.48 -5.62 5.40
CA CYS C 28 34.31 -6.91 6.01
C CYS C 28 35.68 -7.55 6.13
N PRO C 29 36.12 -7.78 7.37
CA PRO C 29 37.39 -8.43 7.67
C PRO C 29 37.44 -9.92 7.44
N LYS C 30 36.30 -10.55 7.21
CA LYS C 30 36.25 -11.97 6.92
C LYS C 30 36.49 -12.17 5.42
N CYS C 31 35.85 -11.40 4.54
CA CYS C 31 36.22 -11.56 3.13
C CYS C 31 37.05 -10.44 2.50
N HIS C 32 37.43 -9.45 3.31
CA HIS C 32 38.36 -8.37 2.93
C HIS C 32 37.90 -7.58 1.71
N THR C 33 36.63 -7.21 1.77
CA THR C 33 36.00 -6.36 0.76
C THR C 33 35.40 -5.08 1.36
N ILE C 34 35.29 -4.06 0.50
CA ILE C 34 34.70 -2.80 0.86
C ILE C 34 33.27 -2.78 0.37
N HIS C 35 32.37 -2.36 1.25
CA HIS C 35 30.95 -2.21 0.95
C HIS C 35 30.61 -0.75 0.72
N TYR C 36 30.74 -0.30 -0.52
CA TYR C 36 30.49 1.11 -0.88
C TYR C 36 29.04 1.34 -0.81
N GLN C 37 28.66 2.50 -0.29
CA GLN C 37 27.26 2.93 -0.29
C GLN C 37 27.10 3.96 -1.37
N ASN C 38 25.93 3.97 -1.97
CA ASN C 38 25.64 4.85 -3.11
C ASN C 38 24.35 5.63 -2.85
N PRO C 39 24.28 6.90 -3.33
CA PRO C 39 23.09 7.70 -3.25
C PRO C 39 21.93 7.09 -3.99
N LYS C 40 20.73 7.42 -3.54
CA LYS C 40 19.51 6.91 -4.18
C LYS C 40 18.76 8.00 -4.89
N VAL C 41 18.25 7.67 -6.06
CA VAL C 41 17.40 8.55 -6.85
C VAL C 41 15.95 8.37 -6.51
N ILE C 42 15.31 9.48 -6.16
CA ILE C 42 13.85 9.58 -6.07
C ILE C 42 13.42 10.34 -7.31
N VAL C 43 12.50 9.74 -8.03
CA VAL C 43 12.00 10.28 -9.29
CA VAL C 43 12.01 10.28 -9.29
C VAL C 43 10.55 10.65 -9.10
N GLY C 44 10.19 11.82 -9.59
CA GLY C 44 8.83 12.26 -9.59
C GLY C 44 8.42 13.14 -10.75
N CYS C 45 7.24 13.69 -10.55
CA CYS C 45 6.44 14.18 -11.67
C CYS C 45 5.54 15.36 -11.21
N ILE C 46 5.37 16.37 -12.08
CA ILE C 46 4.43 17.45 -11.86
C ILE C 46 3.30 17.28 -12.89
N PRO C 47 2.24 16.53 -12.54
CA PRO C 47 1.18 16.29 -13.53
C PRO C 47 0.26 17.49 -13.77
N GLU C 48 0.20 17.95 -15.01
CA GLU C 48 -0.49 19.18 -15.38
C GLU C 48 -1.73 18.85 -16.20
N TRP C 49 -2.88 19.40 -15.83
CA TRP C 49 -4.09 19.33 -16.64
C TRP C 49 -4.64 20.74 -16.78
N GLU C 50 -4.68 21.19 -18.03
CA GLU C 50 -4.89 22.59 -18.30
C GLU C 50 -3.77 23.28 -17.54
N ASN C 51 -4.11 24.15 -16.60
CA ASN C 51 -3.06 24.84 -15.88
C ASN C 51 -3.01 24.46 -14.40
N LYS C 52 -3.65 23.34 -14.04
CA LYS C 52 -3.69 22.86 -12.66
C LYS C 52 -2.72 21.73 -12.47
N VAL C 53 -2.23 21.52 -11.24
CA VAL C 53 -1.23 20.48 -10.94
C VAL C 53 -1.84 19.45 -10.00
N LEU C 54 -1.52 18.17 -10.25
CA LEU C 54 -1.99 17.06 -9.39
C LEU C 54 -1.10 16.90 -8.16
N LEU C 55 -1.69 17.04 -6.98
CA LEU C 55 -0.98 16.79 -5.73
C LEU C 55 -1.69 15.69 -4.96
N CYS C 56 -0.93 15.12 -4.05
CA CYS C 56 -1.34 13.99 -3.20
C CYS C 56 -1.16 14.30 -1.74
N LYS C 57 -2.18 13.97 -0.96
CA LYS C 57 -2.15 14.13 0.47
C LYS C 57 -1.66 12.80 1.08
N ARG C 58 -0.60 12.87 1.85
CA ARG C 58 0.09 11.70 2.34
C ARG C 58 -0.71 11.01 3.44
N ALA C 59 -0.90 9.70 3.24
CA ALA C 59 -1.53 8.83 4.28
C ALA C 59 -0.51 8.26 5.28
N ILE C 60 0.76 8.27 4.91
CA ILE C 60 1.80 7.64 5.73
C ILE C 60 2.85 8.64 6.11
N ALA C 61 3.36 8.46 7.34
CA ALA C 61 4.38 9.32 7.92
C ALA C 61 5.67 9.19 7.15
N PRO C 62 6.53 10.23 7.20
CA PRO C 62 6.32 11.48 7.93
C PRO C 62 5.39 12.47 7.21
N TYR C 63 4.88 13.45 7.96
CA TYR C 63 3.99 14.51 7.47
C TYR C 63 2.70 13.97 6.88
N ARG C 64 2.04 13.10 7.60
CA ARG C 64 0.78 12.55 7.11
C ARG C 64 -0.24 13.69 7.03
N GLY C 65 -1.07 13.68 6.01
CA GLY C 65 -2.05 14.75 5.85
C GLY C 65 -1.51 15.97 5.11
N LYS C 66 -0.21 15.99 4.83
CA LYS C 66 0.43 17.05 4.03
C LYS C 66 0.50 16.62 2.58
N TRP C 67 0.69 17.61 1.72
CA TRP C 67 0.53 17.46 0.29
C TRP C 67 1.87 17.25 -0.37
N THR C 68 1.88 16.47 -1.44
CA THR C 68 3.10 16.21 -2.16
C THR C 68 2.86 15.92 -3.63
N LEU C 69 3.94 15.87 -4.40
CA LEU C 69 3.94 15.42 -5.79
C LEU C 69 4.14 13.90 -5.86
N PRO C 70 3.58 13.24 -6.91
CA PRO C 70 3.89 11.83 -6.99
C PRO C 70 5.41 11.60 -7.22
N ALA C 71 6.02 10.71 -6.43
CA ALA C 71 7.48 10.57 -6.46
C ALA C 71 7.84 9.45 -5.53
N GLY C 72 8.86 8.70 -5.91
CA GLY C 72 9.37 7.62 -5.08
C GLY C 72 10.69 7.10 -5.64
N PHE C 73 11.31 6.19 -4.90
CA PHE C 73 12.55 5.60 -5.33
C PHE C 73 12.47 4.98 -6.73
N GLU C 75 13.48 2.33 -9.35
CA GLU C 75 13.69 0.90 -9.29
C GLU C 75 14.75 0.45 -10.29
N ASN C 76 15.25 -0.78 -10.08
CA ASN C 76 16.20 -1.39 -11.01
C ASN C 76 15.44 -1.72 -12.31
N ASN C 77 16.13 -1.76 -13.42
CA ASN C 77 15.59 -2.14 -14.72
C ASN C 77 14.48 -1.25 -15.22
N GLU C 78 14.62 0.05 -15.02
CA GLU C 78 13.65 1.02 -15.60
C GLU C 78 14.44 2.28 -15.94
N THR C 79 13.92 3.07 -16.87
CA THR C 79 14.45 4.36 -17.24
C THR C 79 13.86 5.41 -16.26
N LEU C 80 14.46 6.57 -16.21
CA LEU C 80 13.91 7.64 -15.41
C LEU C 80 12.45 8.00 -15.72
N VAL C 81 12.13 8.14 -16.99
CA VAL C 81 10.77 8.41 -17.47
C VAL C 81 9.74 7.35 -17.03
N GLN C 82 10.19 6.09 -17.06
CA GLN C 82 9.35 4.96 -16.63
C GLN C 82 9.08 5.04 -15.13
N GLY C 83 10.11 5.36 -14.37
CA GLY C 83 9.96 5.55 -12.92
C GLY C 83 9.04 6.70 -12.55
N ALA C 84 9.20 7.82 -13.26
CA ALA C 84 8.30 9.01 -13.09
C ALA C 84 6.84 8.60 -13.32
N ALA C 85 6.59 7.94 -14.45
CA ALA C 85 5.24 7.48 -14.77
C ALA C 85 4.70 6.42 -13.79
N ARG C 86 5.57 5.56 -13.28
CA ARG C 86 5.22 4.46 -12.38
C ARG C 86 4.78 5.03 -11.03
N GLU C 87 5.58 5.93 -10.46
CA GLU C 87 5.17 6.62 -9.22
C GLU C 87 3.82 7.31 -9.30
N THR C 88 3.56 7.99 -10.42
CA THR C 88 2.30 8.67 -10.61
C THR C 88 1.13 7.65 -10.62
N LEU C 89 1.27 6.54 -11.35
CA LEU C 89 0.26 5.50 -11.40
C LEU C 89 0.05 4.86 -10.04
N GLU C 90 1.13 4.63 -9.31
CA GLU C 90 1.06 4.04 -8.00
C GLU C 90 0.46 4.94 -6.96
N GLU C 91 0.81 6.22 -6.94
CA GLU C 91 0.31 7.11 -5.89
C GLU C 91 -1.08 7.73 -6.16
N ALA C 92 -1.41 7.96 -7.43
CA ALA C 92 -2.61 8.70 -7.81
C ALA C 92 -3.44 7.94 -8.83
N ASN C 93 -3.07 6.73 -9.20
CA ASN C 93 -3.77 6.02 -10.26
C ASN C 93 -3.99 6.87 -11.49
N ALA C 94 -2.97 7.66 -11.84
CA ALA C 94 -3.04 8.61 -12.92
C ALA C 94 -2.06 8.19 -14.04
N ARG C 95 -2.53 8.34 -15.28
CA ARG C 95 -1.71 8.14 -16.49
C ARG C 95 -1.19 9.51 -16.96
N VAL C 96 0.14 9.62 -17.08
CA VAL C 96 0.80 10.84 -17.53
C VAL C 96 1.68 10.54 -18.71
N GLU C 97 1.87 11.52 -19.58
CA GLU C 97 2.97 11.54 -20.54
C GLU C 97 4.09 12.38 -19.93
N ILE C 98 5.24 11.77 -19.63
CA ILE C 98 6.36 12.52 -19.06
C ILE C 98 6.96 13.47 -20.11
N ARG C 99 7.22 14.69 -19.70
CA ARG C 99 7.78 15.70 -20.58
C ARG C 99 9.18 16.03 -20.09
N GLU C 100 9.51 17.30 -20.11
CA GLU C 100 10.85 17.72 -19.83
C GLU C 100 11.20 17.54 -18.37
N LEU C 101 12.43 17.13 -18.13
CA LEU C 101 12.97 17.17 -16.80
C LEU C 101 13.03 18.63 -16.37
N TYR C 102 12.57 18.93 -15.15
CA TYR C 102 12.41 20.29 -14.65
C TYR C 102 13.43 20.58 -13.50
N ALA C 103 13.57 19.67 -12.56
CA ALA C 103 14.38 19.98 -11.37
C ALA C 103 15.20 18.78 -10.97
N VAL C 104 16.47 19.00 -10.64
CA VAL C 104 17.33 17.97 -10.08
C VAL C 104 17.90 18.54 -8.79
N TYR C 105 17.61 17.88 -7.67
CA TYR C 105 18.06 18.34 -6.35
C TYR C 105 18.95 17.31 -5.67
N SER C 106 20.09 17.77 -5.16
CA SER C 106 20.93 16.95 -4.33
C SER C 106 20.63 17.21 -2.85
N LEU C 107 20.41 16.14 -2.11
CA LEU C 107 20.24 16.20 -0.65
C LEU C 107 21.40 15.39 -0.04
N PRO C 108 22.59 16.02 0.10
CA PRO C 108 23.77 15.26 0.51
C PRO C 108 23.70 14.68 1.94
N HIS C 109 23.04 15.36 2.84
CA HIS C 109 22.93 14.92 4.23
C HIS C 109 22.21 13.60 4.36
N ILE C 110 21.41 13.22 3.36
CA ILE C 110 20.73 11.91 3.36
C ILE C 110 20.98 11.13 2.04
N SER C 111 21.99 11.54 1.29
CA SER C 111 22.47 10.86 0.06
C SER C 111 21.32 10.47 -0.83
N GLN C 112 20.53 11.47 -1.19
CA GLN C 112 19.47 11.32 -2.17
C GLN C 112 19.59 12.32 -3.31
N VAL C 113 19.03 11.99 -4.46
CA VAL C 113 18.89 12.91 -5.58
C VAL C 113 17.42 12.83 -6.10
N TYR C 114 16.75 13.97 -6.16
CA TYR C 114 15.36 14.08 -6.70
C TYR C 114 15.45 14.59 -8.10
N LEU C 116 12.68 15.58 -10.97
CA LEU C 116 11.28 15.92 -11.13
C LEU C 116 11.05 16.34 -12.56
N PHE C 117 10.11 15.67 -13.17
CA PHE C 117 9.76 15.92 -14.54
C PHE C 117 8.46 16.70 -14.63
N ARG C 118 8.34 17.53 -15.64
CA ARG C 118 7.00 18.00 -16.04
C ARG C 118 6.28 16.83 -16.69
N ALA C 119 4.95 16.81 -16.60
CA ALA C 119 4.14 15.73 -17.17
C ALA C 119 2.77 16.24 -17.56
N LYS C 120 2.20 15.61 -18.58
CA LYS C 120 0.85 15.85 -19.03
C LYS C 120 -0.06 14.73 -18.56
N LEU C 121 -1.06 15.08 -17.76
CA LEU C 121 -2.08 14.15 -17.30
C LEU C 121 -2.96 13.79 -18.52
N LEU C 122 -3.19 12.50 -18.73
CA LEU C 122 -3.87 12.01 -19.94
C LEU C 122 -5.36 11.86 -19.77
N ASP C 123 -5.85 11.71 -18.54
CA ASP C 123 -7.29 11.70 -18.28
C ASP C 123 -7.50 12.12 -16.82
N LEU C 124 -8.74 12.33 -16.42
CA LEU C 124 -9.09 12.71 -15.02
C LEU C 124 -9.60 11.55 -14.16
N ASP C 125 -9.47 10.32 -14.67
CA ASP C 125 -9.91 9.11 -13.97
C ASP C 125 -8.89 8.55 -12.95
N PHE C 126 -8.45 9.45 -12.06
CA PHE C 126 -7.45 9.20 -11.07
C PHE C 126 -8.05 9.21 -9.67
N PHE C 127 -7.36 8.53 -8.76
CA PHE C 127 -7.91 8.33 -7.42
C PHE C 127 -6.77 7.79 -6.56
N PRO C 128 -6.89 7.89 -5.23
CA PRO C 128 -5.71 7.62 -4.45
C PRO C 128 -5.22 6.15 -4.40
N GLY C 129 -3.91 5.94 -4.50
CA GLY C 129 -3.34 4.69 -4.06
C GLY C 129 -3.32 4.62 -2.56
N ILE C 130 -2.91 3.47 -2.01
CA ILE C 130 -2.89 3.23 -0.55
C ILE C 130 -2.10 4.28 0.26
N GLU C 131 -1.04 4.81 -0.30
CA GLU C 131 -0.23 5.82 0.41
C GLU C 131 -0.81 7.25 0.41
N SER C 132 -1.89 7.45 -0.31
CA SER C 132 -2.54 8.72 -0.42
C SER C 132 -3.92 8.71 0.24
N LEU C 133 -4.20 9.73 1.03
CA LEU C 133 -5.50 9.99 1.56
C LEU C 133 -6.44 10.60 0.50
N GLU C 134 -5.88 11.49 -0.28
CA GLU C 134 -6.61 12.35 -1.21
C GLU C 134 -5.69 12.64 -2.38
N VAL C 135 -6.29 12.67 -3.57
CA VAL C 135 -5.63 13.19 -4.74
C VAL C 135 -6.55 14.16 -5.45
N ARG C 136 -5.98 15.29 -5.95
CA ARG C 136 -6.78 16.28 -6.64
C ARG C 136 -5.98 17.31 -7.44
N LEU C 137 -6.67 18.04 -8.31
CA LEU C 137 -6.05 19.10 -9.13
C LEU C 137 -6.12 20.45 -8.43
N PHE C 138 -5.02 21.18 -8.39
CA PHE C 138 -5.00 22.53 -7.80
C PHE C 138 -4.56 23.54 -8.87
N GLY C 139 -5.33 24.62 -9.02
CA GLY C 139 -4.94 25.81 -9.82
C GLY C 139 -3.89 26.67 -9.11
N GLU C 140 -3.13 27.48 -9.84
CA GLU C 140 -2.02 28.23 -9.19
C GLU C 140 -2.41 28.85 -7.85
N GLN C 141 -3.57 29.50 -7.81
CA GLN C 141 -3.95 30.25 -6.64
C GLN C 141 -4.46 29.39 -5.47
N GLU C 142 -4.67 28.08 -5.70
CA GLU C 142 -5.24 27.15 -4.69
C GLU C 142 -4.18 26.27 -4.01
N ILE C 143 -2.96 26.28 -4.53
CA ILE C 143 -1.92 25.40 -4.05
C ILE C 143 -1.69 25.71 -2.58
N PRO C 144 -1.76 24.67 -1.71
CA PRO C 144 -1.57 24.91 -0.28
C PRO C 144 -0.10 24.92 0.12
N TRP C 145 0.58 26.04 -0.13
CA TRP C 145 2.04 26.17 0.05
C TRP C 145 2.49 25.79 1.43
N ASN C 146 1.78 26.24 2.43
CA ASN C 146 2.19 25.97 3.81
C ASN C 146 1.94 24.51 4.26
N ASP C 147 1.17 23.75 3.49
CA ASP C 147 0.89 22.37 3.82
C ASP C 147 1.55 21.37 2.86
N ILE C 148 2.55 21.81 2.12
CA ILE C 148 3.41 20.88 1.40
C ILE C 148 4.42 20.25 2.35
N ALA C 149 4.54 18.92 2.29
CA ALA C 149 5.27 18.11 3.26
C ALA C 149 6.76 18.42 3.26
N PHE C 150 7.39 18.36 2.09
CA PHE C 150 8.85 18.48 1.97
C PHE C 150 9.33 19.71 1.19
N ARG C 151 10.41 20.31 1.70
CA ARG C 151 11.12 21.40 1.01
C ARG C 151 11.56 21.06 -0.40
N VAL C 152 11.99 19.82 -0.62
CA VAL C 152 12.46 19.40 -1.94
C VAL C 152 11.35 19.37 -2.95
N ILE C 153 10.10 19.36 -2.47
CA ILE C 153 8.92 19.45 -3.36
C ILE C 153 8.41 20.88 -3.40
N HIS C 154 8.22 21.49 -2.24
CA HIS C 154 7.79 22.89 -2.15
C HIS C 154 8.61 23.87 -2.98
N ASP C 155 9.92 23.93 -2.71
CA ASP C 155 10.82 24.90 -3.40
C ASP C 155 10.74 24.84 -4.93
N PRO C 156 10.97 23.66 -5.54
CA PRO C 156 10.84 23.60 -6.99
C PRO C 156 9.43 23.92 -7.48
N LEU C 157 8.39 23.56 -6.72
CA LEU C 157 7.03 23.84 -7.18
C LEU C 157 6.69 25.35 -7.11
N LYS C 158 7.13 25.99 -6.03
CA LYS C 158 6.99 27.42 -5.90
C LYS C 158 7.70 28.14 -7.05
N ARG C 159 8.95 27.76 -7.29
CA ARG C 159 9.70 28.31 -8.39
C ARG C 159 9.07 28.05 -9.79
N TYR C 160 8.58 26.85 -10.04
CA TYR C 160 7.79 26.53 -11.23
C TYR C 160 6.56 27.47 -11.48
N GLU C 162 5.91 30.51 -10.17
CA GLU C 162 6.50 31.84 -10.39
C GLU C 162 7.07 32.00 -11.82
N GLU C 163 7.80 31.02 -12.30
CA GLU C 163 8.34 31.05 -13.65
C GLU C 163 7.26 30.98 -14.72
N ARG C 164 6.18 30.31 -14.41
CA ARG C 164 5.08 30.20 -15.35
C ARG C 164 4.48 31.56 -15.76
N HIS C 165 4.44 32.50 -14.81
CA HIS C 165 4.06 33.89 -15.08
C HIS C 165 4.86 34.55 -16.20
N HIS C 166 6.16 34.22 -16.31
CA HIS C 166 7.10 34.85 -17.27
C HIS C 166 7.26 34.07 -18.58
N GLY C 167 6.91 32.80 -18.58
CA GLY C 167 7.15 31.92 -19.73
C GLY C 167 7.35 30.47 -19.32
N GLN C 168 7.95 29.67 -20.20
CA GLN C 168 8.20 28.26 -19.90
C GLN C 168 9.30 28.22 -18.84
N PRO C 169 9.10 27.45 -17.76
CA PRO C 169 10.09 27.27 -16.74
C PRO C 169 11.45 26.70 -17.21
N ALA C 170 12.50 27.27 -16.68
CA ALA C 170 13.85 26.76 -16.95
C ALA C 170 14.15 25.57 -16.04
N PHE C 171 14.69 24.49 -16.63
CA PHE C 171 15.33 23.44 -15.87
C PHE C 171 16.32 23.96 -14.84
N HIS C 172 16.39 23.37 -13.64
CA HIS C 172 17.37 23.84 -12.67
C HIS C 172 17.84 22.81 -11.62
N LEU C 173 19.07 23.00 -11.19
CA LEU C 173 19.70 22.22 -10.15
C LEU C 173 19.52 22.93 -8.82
N GLY C 174 19.28 22.16 -7.76
CA GLY C 174 19.15 22.67 -6.42
C GLY C 174 19.90 21.81 -5.41
N ILE C 175 20.21 22.36 -4.27
CA ILE C 175 20.79 21.61 -3.15
C ILE C 175 20.00 21.99 -1.90
N ILE C 176 19.56 20.97 -1.16
CA ILE C 176 19.04 21.14 0.19
C ILE C 176 19.92 20.32 1.13
N ASN C 177 20.46 20.91 2.20
CA ASN C 177 21.41 20.14 3.02
C ASN C 177 21.32 20.25 4.55
N LYS C 178 20.14 20.48 5.07
CA LYS C 178 19.91 20.35 6.51
C LYS C 178 18.52 19.78 6.74
N PRO C 179 18.35 19.02 7.85
CA PRO C 179 17.05 18.45 8.27
C PRO C 179 15.83 19.37 8.16
N GLN C 180 14.67 18.79 8.45
CA GLN C 180 13.32 19.36 8.24
C GLN C 180 12.87 19.23 6.78
N LYS D 4 23.52 -12.66 -0.40
CA LYS D 4 23.41 -13.91 0.36
C LYS D 4 22.96 -13.70 1.80
N PHE D 5 23.33 -12.58 2.40
CA PHE D 5 23.05 -12.38 3.80
C PHE D 5 22.50 -10.99 4.02
N CYS D 6 21.68 -10.87 5.08
CA CYS D 6 21.11 -9.63 5.58
C CYS D 6 22.14 -8.75 6.26
N SER D 7 22.23 -7.52 5.77
CA SER D 7 23.19 -6.55 6.28
C SER D 7 22.83 -6.08 7.67
N GLN D 8 21.64 -6.45 8.14
CA GLN D 8 21.13 -5.94 9.42
C GLN D 8 21.32 -6.93 10.54
N CYS D 9 21.10 -8.23 10.27
CA CYS D 9 21.26 -9.27 11.28
C CYS D 9 22.19 -10.43 10.89
N GLY D 10 22.60 -10.51 9.63
CA GLY D 10 23.52 -11.58 9.21
C GLY D 10 22.83 -12.88 8.77
N GLY D 11 21.50 -12.87 8.77
CA GLY D 11 20.69 -14.01 8.32
C GLY D 11 20.80 -14.28 6.83
N GLU D 12 20.61 -15.54 6.43
CA GLU D 12 20.51 -15.83 5.01
C GLU D 12 19.29 -15.13 4.44
N VAL D 13 19.42 -14.52 3.28
CA VAL D 13 18.25 -13.87 2.66
C VAL D 13 17.76 -14.72 1.51
N ILE D 14 16.47 -14.55 1.18
CA ILE D 14 15.87 -15.39 0.14
C ILE D 14 15.12 -14.44 -0.82
N LEU D 15 14.83 -14.88 -2.04
CA LEU D 15 14.08 -14.08 -3.00
C LEU D 15 12.58 -14.45 -2.98
N ARG D 16 11.71 -13.50 -2.65
CA ARG D 16 10.27 -13.72 -2.70
C ARG D 16 9.61 -12.54 -3.36
N ILE D 17 8.44 -12.77 -3.98
CA ILE D 17 7.59 -11.71 -4.57
C ILE D 17 6.62 -11.26 -3.47
N PRO D 18 6.74 -10.02 -2.97
CA PRO D 18 5.82 -9.55 -1.96
C PRO D 18 4.38 -9.46 -2.47
N GLU D 19 3.43 -9.62 -1.56
CA GLU D 19 2.03 -9.68 -1.96
C GLU D 19 1.69 -8.39 -2.64
N GLY D 20 1.02 -8.48 -3.78
CA GLY D 20 0.64 -7.30 -4.55
C GLY D 20 1.69 -6.86 -5.56
N ASP D 21 2.88 -7.48 -5.51
CA ASP D 21 3.96 -7.24 -6.49
C ASP D 21 4.00 -8.37 -7.55
N THR D 22 4.73 -8.12 -8.63
CA THR D 22 5.00 -9.11 -9.65
C THR D 22 6.45 -9.61 -9.60
N LEU D 23 7.36 -8.80 -9.06
CA LEU D 23 8.79 -9.16 -9.08
C LEU D 23 9.41 -9.39 -7.68
N PRO D 24 10.39 -10.32 -7.62
CA PRO D 24 11.16 -10.75 -6.42
C PRO D 24 11.89 -9.63 -5.71
N ARG D 25 11.93 -9.69 -4.39
CA ARG D 25 12.82 -8.88 -3.58
C ARG D 25 13.61 -9.84 -2.68
N TYR D 26 14.83 -9.47 -2.31
CA TYR D 26 15.48 -10.11 -1.19
C TYR D 26 14.81 -9.83 0.12
N ILE D 27 14.46 -10.88 0.86
CA ILE D 27 13.85 -10.71 2.16
C ILE D 27 14.65 -11.55 3.18
N CYS D 28 14.70 -11.04 4.40
CA CYS D 28 15.33 -11.70 5.50
C CYS D 28 14.28 -12.32 6.40
N PRO D 29 14.15 -13.66 6.40
CA PRO D 29 13.15 -14.24 7.31
C PRO D 29 13.53 -14.20 8.77
N LYS D 30 14.72 -13.72 9.12
CA LYS D 30 15.15 -13.73 10.53
C LYS D 30 14.69 -12.45 11.19
N CYS D 31 14.95 -11.31 10.57
CA CYS D 31 14.44 -10.06 11.10
C CYS D 31 13.23 -9.48 10.33
N HIS D 32 12.77 -10.21 9.32
CA HIS D 32 11.50 -9.92 8.64
C HIS D 32 11.47 -8.56 7.96
N THR D 33 12.48 -8.34 7.15
CA THR D 33 12.61 -7.09 6.40
C THR D 33 12.85 -7.36 4.93
N ILE D 34 12.48 -6.37 4.13
CA ILE D 34 12.72 -6.39 2.72
C ILE D 34 13.97 -5.54 2.42
N HIS D 35 14.84 -6.03 1.52
CA HIS D 35 16.02 -5.30 1.12
C HIS D 35 15.82 -4.85 -0.34
N TYR D 36 15.71 -3.56 -0.55
CA TYR D 36 15.55 -3.09 -1.93
C TYR D 36 16.89 -2.78 -2.53
N GLN D 37 17.02 -3.08 -3.81
CA GLN D 37 18.15 -2.65 -4.61
C GLN D 37 17.72 -1.47 -5.49
N ASN D 38 18.65 -0.57 -5.74
CA ASN D 38 18.38 0.69 -6.42
C ASN D 38 19.47 1.03 -7.41
N PRO D 39 19.11 1.70 -8.53
CA PRO D 39 20.06 2.08 -9.53
C PRO D 39 21.14 3.01 -8.98
N LYS D 40 22.28 3.03 -9.66
CA LYS D 40 23.42 3.84 -9.25
C LYS D 40 23.64 4.93 -10.25
N VAL D 41 23.92 6.12 -9.75
CA VAL D 41 24.32 7.26 -10.54
C VAL D 41 25.83 7.29 -10.75
N ILE D 42 26.20 7.46 -12.02
CA ILE D 42 27.54 7.78 -12.40
C ILE D 42 27.51 9.22 -12.82
N VAL D 43 28.46 9.98 -12.27
CA VAL D 43 28.57 11.42 -12.52
CA VAL D 43 28.56 11.41 -12.50
C VAL D 43 29.89 11.74 -13.20
N GLY D 44 29.83 12.59 -14.22
CA GLY D 44 31.06 13.07 -14.88
C GLY D 44 30.85 14.38 -15.62
N CYS D 45 31.81 14.73 -16.48
CA CYS D 45 31.77 15.95 -17.22
C CYS D 45 32.63 15.95 -18.46
N ILE D 46 32.47 17.03 -19.23
CA ILE D 46 33.15 17.24 -20.48
C ILE D 46 34.04 18.47 -20.25
N PRO D 47 35.32 18.28 -19.80
CA PRO D 47 36.17 19.46 -19.53
C PRO D 47 36.64 20.12 -20.83
N GLU D 48 36.28 21.39 -21.02
CA GLU D 48 36.58 22.17 -22.23
C GLU D 48 37.72 23.13 -21.92
N TRP D 49 38.61 23.26 -22.90
CA TRP D 49 39.68 24.24 -22.88
C TRP D 49 39.78 24.78 -24.33
N GLU D 50 39.42 26.04 -24.53
CA GLU D 50 39.36 26.64 -25.86
C GLU D 50 38.41 25.81 -26.74
N ASN D 51 38.90 25.30 -27.86
CA ASN D 51 37.99 24.54 -28.75
CA ASN D 51 38.10 24.53 -28.82
C ASN D 51 38.05 23.04 -28.48
N LYS D 52 38.77 22.63 -27.43
CA LYS D 52 39.10 21.24 -27.23
C LYS D 52 38.43 20.62 -25.97
N VAL D 53 38.32 19.29 -25.96
CA VAL D 53 37.88 18.53 -24.76
C VAL D 53 38.94 17.54 -24.24
N LEU D 54 38.95 17.37 -22.93
CA LEU D 54 39.81 16.43 -22.23
C LEU D 54 39.23 14.99 -22.19
N LEU D 55 39.99 14.03 -22.73
CA LEU D 55 39.71 12.59 -22.53
C LEU D 55 40.85 11.89 -21.78
N CYS D 56 40.48 10.79 -21.13
CA CYS D 56 41.40 9.89 -20.42
C CYS D 56 41.39 8.57 -21.11
N LYS D 57 42.58 8.02 -21.32
CA LYS D 57 42.78 6.64 -21.76
C LYS D 57 42.76 5.68 -20.56
N ARG D 58 41.86 4.70 -20.61
CA ARG D 58 41.63 3.76 -19.48
C ARG D 58 42.79 2.83 -19.22
N ALA D 59 43.24 2.77 -17.96
CA ALA D 59 44.27 1.80 -17.52
C ALA D 59 43.65 0.52 -16.98
N ILE D 60 42.35 0.55 -16.71
CA ILE D 60 41.64 -0.54 -16.01
C ILE D 60 40.63 -1.17 -16.97
N ALA D 61 40.31 -2.44 -16.73
CA ALA D 61 39.34 -3.16 -17.52
C ALA D 61 37.92 -2.85 -17.01
N PRO D 62 36.92 -2.99 -17.88
CA PRO D 62 37.03 -3.33 -19.29
C PRO D 62 37.50 -2.12 -20.14
N TYR D 63 37.79 -2.40 -21.41
CA TYR D 63 38.19 -1.38 -22.38
C TYR D 63 39.47 -0.63 -21.99
N ARG D 64 40.44 -1.34 -21.45
CA ARG D 64 41.76 -0.77 -21.22
C ARG D 64 42.38 -0.28 -22.57
N GLY D 65 43.02 0.88 -22.57
CA GLY D 65 43.51 1.50 -23.82
C GLY D 65 42.45 2.29 -24.59
N LYS D 66 41.19 2.22 -24.15
CA LYS D 66 40.12 3.01 -24.76
C LYS D 66 39.92 4.33 -24.00
N TRP D 67 39.32 5.29 -24.70
CA TRP D 67 39.22 6.68 -24.29
C TRP D 67 37.88 6.97 -23.68
N THR D 68 37.89 7.79 -22.63
CA THR D 68 36.66 8.11 -21.93
C THR D 68 36.68 9.53 -21.36
N LEU D 69 35.50 10.03 -20.96
CA LEU D 69 35.38 11.25 -20.17
C LEU D 69 35.58 10.91 -18.67
N PRO D 70 36.03 11.88 -17.86
CA PRO D 70 36.12 11.62 -16.42
C PRO D 70 34.73 11.41 -15.85
N ALA D 71 34.54 10.31 -15.13
CA ALA D 71 33.21 9.89 -14.71
C ALA D 71 33.37 8.72 -13.73
N GLY D 72 32.52 8.70 -12.71
CA GLY D 72 32.42 7.51 -11.88
C GLY D 72 31.25 7.60 -10.94
N PHE D 73 31.17 6.66 -10.02
CA PHE D 73 30.04 6.56 -9.14
C PHE D 73 29.97 7.74 -8.19
N GLU D 75 29.18 9.48 -4.80
CA GLU D 75 29.47 9.02 -3.44
C GLU D 75 28.42 9.56 -2.49
N ASN D 76 28.31 8.95 -1.31
CA ASN D 76 27.36 9.42 -0.29
C ASN D 76 27.84 10.75 0.25
N ASN D 77 26.92 11.56 0.75
CA ASN D 77 27.22 12.91 1.29
C ASN D 77 27.92 13.88 0.37
N GLU D 78 27.64 13.80 -0.91
CA GLU D 78 28.14 14.83 -1.84
C GLU D 78 27.04 15.16 -2.84
N THR D 79 27.21 16.31 -3.47
CA THR D 79 26.27 16.78 -4.45
C THR D 79 26.73 16.33 -5.80
N LEU D 80 25.83 16.47 -6.76
CA LEU D 80 26.11 16.03 -8.13
C LEU D 80 27.32 16.78 -8.67
N VAL D 81 27.33 18.12 -8.50
CA VAL D 81 28.46 18.94 -9.04
C VAL D 81 29.74 18.67 -8.30
N GLN D 82 29.66 18.41 -6.99
CA GLN D 82 30.84 17.95 -6.28
C GLN D 82 31.42 16.62 -6.78
N GLY D 83 30.53 15.68 -7.13
CA GLY D 83 30.97 14.39 -7.62
C GLY D 83 31.68 14.50 -8.96
N ALA D 84 31.09 15.26 -9.89
CA ALA D 84 31.62 15.50 -11.25
C ALA D 84 33.02 16.09 -11.20
N ALA D 85 33.21 17.05 -10.29
CA ALA D 85 34.51 17.68 -10.06
C ALA D 85 35.51 16.75 -9.33
N ARG D 86 35.01 15.96 -8.40
CA ARG D 86 35.85 14.90 -7.81
C ARG D 86 36.34 13.82 -8.80
N GLU D 87 35.44 13.34 -9.64
CA GLU D 87 35.80 12.37 -10.68
C GLU D 87 36.84 12.90 -11.67
N THR D 88 36.82 14.18 -12.00
CA THR D 88 37.84 14.69 -12.95
C THR D 88 39.21 14.90 -12.27
N LEU D 89 39.20 15.35 -11.02
CA LEU D 89 40.37 15.36 -10.20
C LEU D 89 41.02 13.96 -10.04
N GLU D 90 40.26 12.97 -9.58
CA GLU D 90 40.77 11.62 -9.37
C GLU D 90 41.28 10.97 -10.67
N GLU D 91 40.56 11.14 -11.77
CA GLU D 91 40.98 10.48 -13.03
C GLU D 91 42.10 11.22 -13.78
N ALA D 92 42.16 12.53 -13.63
CA ALA D 92 42.96 13.38 -14.53
C ALA D 92 43.76 14.46 -13.81
N ASN D 93 43.66 14.51 -12.48
CA ASN D 93 44.34 15.58 -11.72
C ASN D 93 44.04 16.94 -12.36
N ALA D 94 42.78 17.11 -12.76
CA ALA D 94 42.37 18.25 -13.54
C ALA D 94 41.42 19.01 -12.65
N ARG D 95 41.58 20.32 -12.57
CA ARG D 95 40.57 21.05 -11.87
C ARG D 95 39.62 21.83 -12.81
N VAL D 96 38.31 21.68 -12.56
CA VAL D 96 37.24 22.18 -13.42
C VAL D 96 36.24 22.99 -12.64
N GLU D 97 35.58 23.91 -13.34
CA GLU D 97 34.37 24.57 -12.88
C GLU D 97 33.22 23.88 -13.59
N ILE D 98 32.34 23.28 -12.79
CA ILE D 98 31.20 22.57 -13.35
C ILE D 98 30.15 23.59 -13.75
N ARG D 99 29.68 23.50 -14.99
CA ARG D 99 28.66 24.41 -15.50
C ARG D 99 27.35 23.63 -15.71
N GLU D 100 26.70 23.73 -16.88
CA GLU D 100 25.33 23.20 -17.06
C GLU D 100 25.28 21.70 -17.21
N LEU D 101 24.28 21.06 -16.60
CA LEU D 101 24.02 19.65 -16.89
C LEU D 101 23.73 19.51 -18.36
N TYR D 102 24.41 18.58 -19.05
CA TYR D 102 24.24 18.41 -20.50
C TYR D 102 23.44 17.17 -20.83
N ALA D 103 23.76 16.04 -20.24
CA ALA D 103 23.10 14.81 -20.65
C ALA D 103 22.76 13.96 -19.46
N VAL D 104 21.62 13.28 -19.55
CA VAL D 104 21.19 12.30 -18.56
C VAL D 104 20.79 11.04 -19.28
N TYR D 105 21.52 9.96 -19.06
CA TYR D 105 21.22 8.70 -19.74
C TYR D 105 20.76 7.67 -18.73
N SER D 106 19.66 7.01 -19.07
CA SER D 106 19.25 5.80 -18.40
C SER D 106 19.85 4.54 -19.11
N LEU D 107 20.46 3.66 -18.31
CA LEU D 107 20.91 2.30 -18.74
C LEU D 107 20.17 1.23 -17.97
N PRO D 108 18.91 0.96 -18.34
CA PRO D 108 18.08 0.15 -17.46
C PRO D 108 18.58 -1.29 -17.21
N HIS D 109 19.19 -1.88 -18.24
CA HIS D 109 19.74 -3.22 -18.20
C HIS D 109 20.84 -3.41 -17.12
N ILE D 110 21.54 -2.36 -16.74
CA ILE D 110 22.57 -2.47 -15.65
C ILE D 110 22.19 -1.51 -14.50
N SER D 111 20.93 -1.01 -14.57
CA SER D 111 20.31 -0.16 -13.56
C SER D 111 21.28 0.95 -13.18
N GLN D 112 21.66 1.73 -14.17
CA GLN D 112 22.54 2.89 -14.02
C GLN D 112 21.92 4.14 -14.64
N VAL D 113 22.25 5.31 -14.08
CA VAL D 113 21.92 6.61 -14.67
C VAL D 113 23.23 7.39 -14.75
N TYR D 114 23.52 7.94 -15.94
CA TYR D 114 24.69 8.77 -16.16
C TYR D 114 24.29 10.22 -16.23
N LEU D 116 26.09 13.79 -17.10
CA LEU D 116 27.25 14.43 -17.72
C LEU D 116 27.05 15.95 -17.76
N PHE D 117 27.92 16.64 -17.04
CA PHE D 117 27.98 18.11 -17.00
C PHE D 117 28.95 18.71 -18.06
N ARG D 118 28.64 19.90 -18.53
CA ARG D 118 29.64 20.72 -19.20
C ARG D 118 30.51 21.29 -18.11
N ALA D 119 31.78 21.50 -18.41
CA ALA D 119 32.74 22.05 -17.45
C ALA D 119 33.90 22.79 -18.15
N LYS D 120 34.48 23.73 -17.41
CA LYS D 120 35.55 24.57 -17.87
C LYS D 120 36.79 24.11 -17.10
N LEU D 121 37.78 23.74 -17.88
CA LEU D 121 39.09 23.37 -17.35
C LEU D 121 39.76 24.64 -16.83
N LEU D 122 40.23 24.62 -15.58
CA LEU D 122 40.78 25.83 -14.95
C LEU D 122 42.28 26.03 -15.21
N ASP D 123 42.95 24.96 -15.62
CA ASP D 123 44.38 25.04 -15.96
C ASP D 123 44.76 23.79 -16.77
N LEU D 124 45.96 23.78 -17.35
CA LEU D 124 46.46 22.59 -18.09
C LEU D 124 47.46 21.75 -17.23
N ASP D 125 47.51 21.99 -15.93
CA ASP D 125 48.39 21.23 -15.04
C ASP D 125 47.88 19.85 -14.70
N PHE D 126 47.32 19.15 -15.69
CA PHE D 126 46.74 17.84 -15.46
C PHE D 126 47.69 16.71 -15.90
N PHE D 127 47.42 15.53 -15.37
CA PHE D 127 48.23 14.33 -15.51
C PHE D 127 47.41 13.16 -14.99
N PRO D 128 47.70 11.91 -15.49
CA PRO D 128 46.85 10.78 -15.21
C PRO D 128 46.83 10.37 -13.73
N GLY D 129 45.64 10.12 -13.22
CA GLY D 129 45.51 9.34 -12.00
C GLY D 129 45.77 7.87 -12.28
N ILE D 130 45.71 7.11 -11.19
CA ILE D 130 46.03 5.70 -11.14
C ILE D 130 45.34 4.84 -12.21
N GLU D 131 44.10 5.19 -12.49
CA GLU D 131 43.28 4.46 -13.43
C GLU D 131 43.25 4.99 -14.87
N SER D 132 44.15 5.94 -15.18
CA SER D 132 44.33 6.47 -16.54
C SER D 132 45.74 6.15 -17.06
N LEU D 133 45.87 5.77 -18.32
CA LEU D 133 47.16 5.59 -18.94
C LEU D 133 47.72 6.92 -19.41
N GLU D 134 46.81 7.73 -19.94
CA GLU D 134 47.12 9.08 -20.35
C GLU D 134 45.90 10.00 -20.37
N VAL D 135 46.17 11.31 -20.35
CA VAL D 135 45.12 12.34 -20.30
C VAL D 135 45.58 13.43 -21.29
N ARG D 136 44.67 13.84 -22.19
CA ARG D 136 44.93 14.95 -23.11
C ARG D 136 43.69 15.58 -23.79
N LEU D 137 43.93 16.78 -24.29
CA LEU D 137 42.95 17.59 -24.99
C LEU D 137 42.90 17.18 -26.43
N PHE D 138 41.69 17.15 -26.97
CA PHE D 138 41.45 16.82 -28.38
C PHE D 138 40.59 17.90 -28.99
N GLY D 139 40.93 18.34 -30.20
CA GLY D 139 39.98 19.07 -31.04
C GLY D 139 38.93 18.13 -31.62
N GLU D 140 37.87 18.71 -32.18
CA GLU D 140 36.74 17.93 -32.71
C GLU D 140 37.18 16.95 -33.81
N GLN D 141 38.10 17.40 -34.66
CA GLN D 141 38.63 16.56 -35.72
C GLN D 141 39.57 15.45 -35.22
N GLU D 142 40.08 15.60 -34.00
CA GLU D 142 41.06 14.66 -33.38
C GLU D 142 40.45 13.55 -32.53
N ILE D 143 39.19 13.70 -32.13
CA ILE D 143 38.58 12.76 -31.20
C ILE D 143 38.54 11.37 -31.81
N PRO D 144 39.17 10.37 -31.14
CA PRO D 144 39.20 9.01 -31.65
C PRO D 144 37.86 8.29 -31.42
N TRP D 145 36.82 8.70 -32.18
CA TRP D 145 35.45 8.20 -32.07
C TRP D 145 35.30 6.68 -32.02
N ASN D 146 36.12 5.96 -32.80
CA ASN D 146 36.12 4.48 -32.78
C ASN D 146 36.83 3.85 -31.56
N ASP D 147 37.54 4.67 -30.79
CA ASP D 147 38.30 4.20 -29.64
C ASP D 147 37.69 4.65 -28.33
N ILE D 148 36.47 5.19 -28.33
CA ILE D 148 35.80 5.57 -27.07
C ILE D 148 35.18 4.33 -26.41
N ALA D 149 35.42 4.19 -25.12
CA ALA D 149 35.17 2.92 -24.41
C ALA D 149 33.67 2.52 -24.40
N PHE D 150 32.81 3.48 -24.12
CA PHE D 150 31.38 3.23 -23.84
C PHE D 150 30.44 4.05 -24.73
N ARG D 151 29.36 3.45 -25.19
CA ARG D 151 28.30 4.17 -25.93
C ARG D 151 27.71 5.35 -25.18
N VAL D 152 27.53 5.19 -23.88
CA VAL D 152 26.94 6.25 -23.07
C VAL D 152 27.87 7.52 -23.00
N ILE D 153 29.15 7.35 -23.29
CA ILE D 153 30.12 8.48 -23.42
C ILE D 153 30.20 8.97 -24.88
N HIS D 154 30.36 8.03 -25.81
CA HIS D 154 30.43 8.34 -27.25
C HIS D 154 29.20 9.11 -27.76
N ASP D 155 28.01 8.57 -27.48
CA ASP D 155 26.78 9.11 -28.03
C ASP D 155 26.58 10.59 -27.64
N PRO D 156 26.57 10.91 -26.33
CA PRO D 156 26.45 12.32 -25.93
C PRO D 156 27.57 13.23 -26.40
N LEU D 157 28.81 12.74 -26.40
CA LEU D 157 29.94 13.55 -26.83
C LEU D 157 29.86 13.92 -28.32
N LYS D 158 29.43 12.97 -29.15
CA LYS D 158 29.32 13.24 -30.56
C LYS D 158 28.24 14.29 -30.77
N ARG D 159 27.10 14.13 -30.11
CA ARG D 159 26.00 15.06 -30.24
C ARG D 159 26.40 16.45 -29.74
N TYR D 160 27.12 16.49 -28.62
CA TYR D 160 27.67 17.73 -28.09
C TYR D 160 28.48 18.40 -29.18
N GLU D 162 28.56 18.01 -32.47
CA GLU D 162 27.69 18.39 -33.60
C GLU D 162 26.84 19.62 -33.28
N GLU D 163 26.14 19.57 -32.17
CA GLU D 163 25.14 20.58 -31.85
C GLU D 163 25.74 21.93 -31.52
N ARG D 164 26.99 21.94 -31.05
CA ARG D 164 27.59 23.21 -30.62
C ARG D 164 27.94 24.10 -31.80
N HIS D 165 27.80 23.60 -33.03
CA HIS D 165 27.92 24.41 -34.23
C HIS D 165 26.66 25.29 -34.48
N HIS D 166 25.59 25.06 -33.73
CA HIS D 166 24.43 25.98 -33.81
C HIS D 166 24.00 26.43 -32.41
N GLY D 167 24.91 27.14 -31.75
CA GLY D 167 24.63 27.68 -30.40
C GLY D 167 24.86 26.59 -29.37
N GLN D 168 24.76 26.93 -28.09
CA GLN D 168 25.09 25.96 -27.04
C GLN D 168 24.08 24.81 -27.12
N PRO D 169 24.56 23.54 -27.20
CA PRO D 169 23.75 22.33 -27.29
C PRO D 169 22.75 22.17 -26.19
N ALA D 170 21.48 22.09 -26.50
CA ALA D 170 20.48 21.85 -25.48
C ALA D 170 20.78 20.55 -24.64
N PHE D 171 20.40 20.60 -23.38
CA PHE D 171 20.29 19.45 -22.53
C PHE D 171 19.47 18.34 -23.22
N HIS D 172 19.85 17.08 -23.00
CA HIS D 172 18.96 15.99 -23.45
C HIS D 172 19.01 14.78 -22.54
N LEU D 173 17.87 14.08 -22.51
CA LEU D 173 17.72 12.76 -21.96
C LEU D 173 18.05 11.72 -23.03
N GLY D 174 18.87 10.76 -22.65
CA GLY D 174 19.13 9.58 -23.48
C GLY D 174 18.80 8.25 -22.77
N ILE D 175 18.60 7.22 -23.59
CA ILE D 175 18.42 5.83 -23.15
C ILE D 175 19.32 4.89 -23.98
N ILE D 176 20.17 4.13 -23.29
CA ILE D 176 20.89 3.04 -23.90
C ILE D 176 20.38 1.69 -23.36
N ASN D 177 19.77 0.89 -24.23
CA ASN D 177 19.31 -0.42 -23.87
C ASN D 177 20.41 -1.49 -24.09
N LYS D 178 20.11 -2.71 -23.69
CA LYS D 178 20.99 -3.87 -23.90
C LYS D 178 21.75 -3.83 -25.22
N PRO D 179 23.08 -4.12 -25.20
CA PRO D 179 23.91 -4.18 -26.43
C PRO D 179 23.92 -5.55 -27.13
#